data_2YZK
#
_entry.id   2YZK
#
_cell.length_a   60.628
_cell.length_b   80.552
_cell.length_c   118.432
_cell.angle_alpha   90.00
_cell.angle_beta   90.00
_cell.angle_gamma   90.00
#
_symmetry.space_group_name_H-M   'P 21 21 21'
#
loop_
_entity.id
_entity.type
_entity.pdbx_description
1 polymer 'Orotate phosphoribosyltransferase'
2 non-polymer 'PHOSPHATE ION'
3 water water
#
_entity_poly.entity_id   1
_entity_poly.type   'polypeptide(L)'
_entity_poly.pdbx_seq_one_letter_code
;(MSE)LAKVLKKRGAVLRGDFVLSSGRRSSVYID(MSE)RRLLGDESSYSVALDLLLEVGGQDLARSSAVIGVATGGLPW
AA(MSE)LALRLSKPLGYVRPERKGHGTLSQVEGDPPKGRVVVVDDVATTGTSIAKSIEVLRSNGYTVGTALVLVDRGEG
AGELLAR(MSE)GVRLVSVATLKTILEKLGWGGE
;
_entity_poly.pdbx_strand_id   A,B,C,D
#
# COMPACT_ATOMS: atom_id res chain seq x y z
N LEU A 2 23.32 -5.54 -3.59
CA LEU A 2 22.66 -5.01 -2.40
C LEU A 2 22.48 -6.07 -1.32
N ALA A 3 22.00 -7.24 -1.72
CA ALA A 3 21.75 -8.35 -0.80
C ALA A 3 22.72 -8.43 0.37
N LYS A 4 24.02 -8.46 0.07
CA LYS A 4 25.03 -8.54 1.12
C LYS A 4 24.97 -7.35 2.07
N VAL A 5 24.97 -6.15 1.51
CA VAL A 5 24.91 -4.92 2.30
C VAL A 5 23.61 -4.83 3.11
N LEU A 6 22.52 -5.27 2.50
CA LEU A 6 21.22 -5.24 3.15
C LEU A 6 21.21 -6.14 4.39
N LYS A 7 21.77 -7.34 4.25
CA LYS A 7 21.83 -8.28 5.36
C LYS A 7 22.68 -7.70 6.49
N LYS A 8 23.83 -7.13 6.11
CA LYS A 8 24.76 -6.55 7.07
C LYS A 8 24.13 -5.46 7.94
N ARG A 9 23.34 -4.59 7.31
CA ARG A 9 22.69 -3.49 8.01
C ARG A 9 21.32 -3.83 8.60
N GLY A 10 20.88 -5.08 8.43
CA GLY A 10 19.58 -5.45 8.96
C GLY A 10 18.44 -4.84 8.15
N ALA A 11 18.74 -4.46 6.91
CA ALA A 11 17.75 -3.87 6.03
C ALA A 11 16.78 -4.95 5.55
N VAL A 12 17.15 -6.21 5.83
CA VAL A 12 16.32 -7.36 5.50
C VAL A 12 16.31 -8.15 6.79
N LEU A 13 15.17 -8.12 7.48
CA LEU A 13 15.04 -8.80 8.77
C LEU A 13 14.07 -9.98 8.76
N ARG A 14 14.53 -11.09 9.35
CA ARG A 14 13.74 -12.30 9.46
C ARG A 14 12.79 -12.15 10.65
N GLY A 15 11.54 -12.59 10.48
CA GLY A 15 10.59 -12.48 11.56
C GLY A 15 9.19 -12.93 11.18
N ASP A 16 8.19 -12.36 11.84
CA ASP A 16 6.81 -12.69 11.58
C ASP A 16 6.08 -11.37 11.53
N PHE A 17 5.78 -10.91 10.31
CA PHE A 17 5.13 -9.62 10.13
C PHE A 17 3.86 -9.67 9.29
N VAL A 18 3.14 -8.55 9.33
CA VAL A 18 1.91 -8.38 8.55
C VAL A 18 2.16 -7.09 7.79
N LEU A 19 1.97 -7.13 6.47
CA LEU A 19 2.19 -5.94 5.64
C LEU A 19 0.87 -5.21 5.36
N SER A 20 0.97 -3.95 4.95
CA SER A 20 -0.21 -3.13 4.66
C SER A 20 -1.03 -3.73 3.51
N SER A 21 -0.45 -4.72 2.84
CA SER A 21 -1.13 -5.38 1.73
C SER A 21 -2.08 -6.42 2.34
N GLY A 22 -1.83 -6.78 3.58
CA GLY A 22 -2.64 -7.76 4.27
C GLY A 22 -1.95 -9.11 4.34
N ARG A 23 -0.89 -9.27 3.54
CA ARG A 23 -0.14 -10.52 3.50
C ARG A 23 0.76 -10.70 4.71
N ARG A 24 0.94 -11.96 5.12
CA ARG A 24 1.81 -12.28 6.24
C ARG A 24 3.19 -12.50 5.60
N SER A 25 4.24 -12.03 6.26
CA SER A 25 5.58 -12.15 5.70
C SER A 25 6.62 -12.58 6.73
N SER A 26 7.61 -13.34 6.28
CA SER A 26 8.69 -13.79 7.14
C SER A 26 9.84 -12.77 7.07
N VAL A 27 9.66 -11.75 6.25
CA VAL A 27 10.69 -10.72 6.10
C VAL A 27 10.17 -9.30 6.21
N TYR A 28 10.98 -8.44 6.83
CA TYR A 28 10.65 -7.03 6.96
C TYR A 28 11.78 -6.29 6.26
N ILE A 29 11.41 -5.40 5.34
CA ILE A 29 12.39 -4.64 4.58
C ILE A 29 12.46 -3.20 5.07
N ASP A 30 13.68 -2.70 5.25
CA ASP A 30 13.86 -1.33 5.71
C ASP A 30 15.14 -0.75 5.13
N ARG A 32 15.98 2.20 5.00
CA ARG A 32 16.48 3.32 5.79
C ARG A 32 17.71 2.93 6.59
N ARG A 33 17.83 1.66 6.93
CA ARG A 33 18.99 1.21 7.71
C ARG A 33 20.31 1.32 6.96
N LEU A 34 20.27 1.50 5.66
CA LEU A 34 21.50 1.65 4.90
C LEU A 34 22.11 3.03 5.12
N LEU A 35 21.27 3.99 5.52
CA LEU A 35 21.72 5.37 5.72
C LEU A 35 22.69 5.55 6.88
N GLY A 36 22.60 4.69 7.88
CA GLY A 36 23.47 4.82 9.04
C GLY A 36 24.87 4.28 8.88
N ASP A 37 25.30 4.03 7.64
CA ASP A 37 26.65 3.53 7.38
C ASP A 37 27.09 4.04 6.01
N GLU A 38 28.10 4.91 5.99
CA GLU A 38 28.58 5.48 4.73
C GLU A 38 28.93 4.40 3.72
N SER A 39 29.55 3.32 4.18
CA SER A 39 29.92 2.24 3.28
C SER A 39 28.69 1.70 2.56
N SER A 40 27.62 1.51 3.32
CA SER A 40 26.38 0.98 2.78
C SER A 40 25.63 1.94 1.87
N TYR A 41 25.42 3.17 2.31
CA TYR A 41 24.68 4.07 1.43
C TYR A 41 25.46 4.45 0.19
N SER A 42 26.79 4.41 0.25
CA SER A 42 27.59 4.73 -0.92
C SER A 42 27.43 3.67 -1.99
N VAL A 43 27.36 2.41 -1.56
CA VAL A 43 27.17 1.31 -2.50
C VAL A 43 25.80 1.49 -3.17
N ALA A 44 24.82 1.82 -2.34
CA ALA A 44 23.45 2.01 -2.82
C ALA A 44 23.37 3.17 -3.81
N LEU A 45 24.02 4.28 -3.49
CA LEU A 45 24.01 5.43 -4.36
C LEU A 45 24.65 5.13 -5.70
N ASP A 46 25.77 4.41 -5.68
CA ASP A 46 26.44 4.07 -6.92
C ASP A 46 25.56 3.20 -7.80
N LEU A 47 24.84 2.27 -7.19
CA LEU A 47 23.96 1.38 -7.94
C LEU A 47 22.78 2.16 -8.52
N LEU A 48 22.27 3.14 -7.74
CA LEU A 48 21.16 3.96 -8.21
C LEU A 48 21.58 4.80 -9.41
N LEU A 49 22.80 5.34 -9.36
CA LEU A 49 23.31 6.16 -10.45
C LEU A 49 23.45 5.29 -11.69
N GLU A 50 23.93 4.08 -11.48
CA GLU A 50 24.12 3.12 -12.56
C GLU A 50 22.81 2.76 -13.26
N VAL A 51 21.80 2.36 -12.49
CA VAL A 51 20.51 1.98 -13.09
C VAL A 51 19.74 3.19 -13.59
N GLY A 52 19.95 4.34 -12.94
CA GLY A 52 19.28 5.56 -13.35
C GLY A 52 19.73 5.92 -14.76
N GLY A 53 20.95 5.52 -15.08
CA GLY A 53 21.52 5.78 -16.40
C GLY A 53 21.43 7.21 -16.91
N GLN A 54 21.23 7.35 -18.21
CA GLN A 54 21.17 8.66 -18.83
C GLN A 54 19.93 9.47 -18.45
N ASP A 55 18.83 8.79 -18.14
CA ASP A 55 17.61 9.49 -17.76
C ASP A 55 17.89 10.34 -16.53
N LEU A 56 18.55 9.74 -15.55
CA LEU A 56 18.89 10.45 -14.32
C LEU A 56 19.98 11.48 -14.60
N ALA A 57 21.01 11.08 -15.36
CA ALA A 57 22.11 11.97 -15.68
C ALA A 57 21.73 13.23 -16.45
N ARG A 58 20.68 13.16 -17.25
CA ARG A 58 20.27 14.32 -18.03
C ARG A 58 19.07 15.04 -17.43
N SER A 59 18.50 14.50 -16.36
CA SER A 59 17.34 15.09 -15.72
C SER A 59 17.60 16.53 -15.28
N SER A 60 16.58 17.38 -15.37
CA SER A 60 16.75 18.77 -14.95
C SER A 60 16.70 18.83 -13.42
N ALA A 61 16.14 17.79 -12.81
CA ALA A 61 16.05 17.72 -11.36
C ALA A 61 15.76 16.31 -10.88
N VAL A 62 16.13 16.02 -9.63
CA VAL A 62 15.86 14.72 -9.03
C VAL A 62 14.73 15.00 -8.05
N ILE A 63 13.67 14.20 -8.10
CA ILE A 63 12.53 14.40 -7.20
C ILE A 63 12.38 13.20 -6.27
N GLY A 64 12.33 13.48 -4.97
CA GLY A 64 12.17 12.39 -4.01
C GLY A 64 10.73 12.22 -3.55
N VAL A 65 10.33 10.98 -3.27
CA VAL A 65 8.99 10.71 -2.77
C VAL A 65 9.18 10.79 -1.25
N ALA A 66 8.92 12.00 -0.72
CA ALA A 66 8.95 11.96 0.75
C ALA A 66 8.21 10.90 1.52
N THR A 67 8.98 10.21 2.40
CA THR A 67 10.08 10.56 3.27
C THR A 67 11.29 9.69 2.99
N GLY A 68 10.79 8.45 2.96
CA GLY A 68 11.50 7.28 2.48
C GLY A 68 12.53 7.53 1.38
N GLY A 69 12.09 8.12 0.28
CA GLY A 69 13.01 8.37 -0.81
C GLY A 69 13.73 9.70 -0.75
N LEU A 70 13.41 10.52 0.23
CA LEU A 70 14.02 11.85 0.33
C LEU A 70 15.53 11.88 0.55
N PRO A 71 16.06 11.11 1.50
CA PRO A 71 17.52 11.16 1.68
C PRO A 71 18.24 10.70 0.43
N TRP A 72 17.70 9.68 -0.22
CA TRP A 72 18.30 9.16 -1.44
C TRP A 72 18.29 10.19 -2.56
N ALA A 73 17.15 10.85 -2.74
CA ALA A 73 17.03 11.88 -3.77
C ALA A 73 17.98 13.02 -3.50
N ALA A 74 18.06 13.45 -2.25
CA ALA A 74 18.94 14.55 -1.87
C ALA A 74 20.39 14.21 -2.13
N LEU A 76 21.56 11.96 -4.26
CA LEU A 76 21.76 11.83 -5.70
C LEU A 76 21.88 13.22 -6.34
N ALA A 77 21.03 14.15 -5.89
CA ALA A 77 21.06 15.50 -6.43
C ALA A 77 22.40 16.16 -6.15
N LEU A 78 22.94 15.98 -4.94
CA LEU A 78 24.23 16.55 -4.60
C LEU A 78 25.35 15.93 -5.44
N ARG A 79 25.31 14.61 -5.59
CA ARG A 79 26.32 13.91 -6.38
C ARG A 79 26.31 14.39 -7.82
N LEU A 80 25.13 14.70 -8.34
CA LEU A 80 24.99 15.14 -9.72
C LEU A 80 24.97 16.66 -9.87
N SER A 81 25.11 17.38 -8.76
CA SER A 81 25.09 18.84 -8.78
C SER A 81 23.81 19.30 -9.49
N LYS A 82 22.70 18.64 -9.17
CA LYS A 82 21.41 18.96 -9.77
C LYS A 82 20.39 19.46 -8.75
N PRO A 83 19.35 20.16 -9.22
CA PRO A 83 18.29 20.70 -8.38
C PRO A 83 17.55 19.53 -7.72
N LEU A 84 17.02 19.77 -6.52
CA LEU A 84 16.26 18.75 -5.81
C LEU A 84 14.85 19.25 -5.57
N GLY A 85 13.92 18.32 -5.57
CA GLY A 85 12.53 18.64 -5.30
C GLY A 85 11.96 17.40 -4.65
N TYR A 86 10.78 17.52 -4.04
CA TYR A 86 10.16 16.36 -3.43
C TYR A 86 8.69 16.58 -3.17
N VAL A 87 7.97 15.47 -3.11
CA VAL A 87 6.54 15.51 -2.88
C VAL A 87 6.22 14.64 -1.68
N ARG A 88 5.45 15.19 -0.74
CA ARG A 88 5.08 14.46 0.44
C ARG A 88 3.60 14.15 0.46
N PRO A 89 3.22 12.99 1.05
CA PRO A 89 1.81 12.61 1.11
C PRO A 89 1.18 13.44 2.24
N GLU A 90 0.28 14.35 1.87
CA GLU A 90 -0.38 15.23 2.84
C GLU A 90 -1.63 14.61 3.45
N ARG A 91 -1.92 14.97 4.70
CA ARG A 91 -3.12 14.49 5.38
C ARG A 91 -4.31 15.06 4.60
N LYS A 92 -5.30 14.22 4.33
CA LYS A 92 -6.46 14.61 3.54
C LYS A 92 -7.63 15.29 4.26
N GLY A 93 -8.34 16.14 3.51
CA GLY A 93 -9.49 16.83 4.05
C GLY A 93 -9.24 18.11 4.82
N HIS A 94 -8.02 18.64 4.74
CA HIS A 94 -7.68 19.85 5.46
C HIS A 94 -7.56 21.09 4.60
N GLY A 95 -7.79 20.93 3.29
CA GLY A 95 -7.70 22.07 2.39
C GLY A 95 -6.27 22.31 1.90
N THR A 96 -5.42 21.31 2.08
CA THR A 96 -4.03 21.42 1.67
C THR A 96 -3.91 21.26 0.15
N LEU A 97 -3.05 22.07 -0.45
CA LEU A 97 -2.82 22.02 -1.89
C LEU A 97 -1.41 21.44 -2.07
N SER A 98 -1.29 20.40 -2.88
CA SER A 98 -0.01 19.76 -3.11
C SER A 98 0.98 20.68 -3.80
N GLN A 99 2.26 20.38 -3.64
CA GLN A 99 3.28 21.19 -4.26
C GLN A 99 4.57 20.40 -4.37
N VAL A 100 5.43 20.82 -5.28
CA VAL A 100 6.73 20.18 -5.44
C VAL A 100 7.68 21.03 -4.58
N GLU A 101 7.91 20.56 -3.37
CA GLU A 101 8.78 21.27 -2.44
C GLU A 101 10.18 21.41 -3.02
N GLY A 102 10.76 22.59 -2.87
CA GLY A 102 12.08 22.84 -3.41
C GLY A 102 11.95 23.72 -4.65
N ASP A 103 10.81 23.60 -5.32
CA ASP A 103 10.50 24.37 -6.52
C ASP A 103 11.62 24.39 -7.58
N PRO A 104 12.09 23.20 -7.99
CA PRO A 104 13.14 23.20 -9.01
C PRO A 104 12.55 23.71 -10.33
N PRO A 105 13.39 24.20 -11.24
CA PRO A 105 12.90 24.71 -12.53
C PRO A 105 12.12 23.66 -13.32
N LYS A 106 11.10 24.11 -14.05
CA LYS A 106 10.27 23.24 -14.87
C LYS A 106 11.16 22.51 -15.88
N GLY A 107 10.90 21.23 -16.07
CA GLY A 107 11.69 20.44 -17.00
C GLY A 107 11.45 18.97 -16.76
N ARG A 108 12.30 18.13 -17.35
CA ARG A 108 12.16 16.69 -17.20
C ARG A 108 12.85 16.23 -15.92
N VAL A 109 12.16 15.44 -15.11
CA VAL A 109 12.73 14.97 -13.86
C VAL A 109 12.60 13.45 -13.71
N VAL A 110 13.30 12.91 -12.73
CA VAL A 110 13.25 11.49 -12.42
C VAL A 110 12.83 11.43 -10.95
N VAL A 111 11.83 10.60 -10.64
CA VAL A 111 11.38 10.47 -9.27
C VAL A 111 12.12 9.30 -8.62
N VAL A 112 12.41 9.46 -7.33
CA VAL A 112 13.14 8.44 -6.58
C VAL A 112 12.46 8.04 -5.28
N ASP A 113 12.39 6.74 -5.03
CA ASP A 113 11.80 6.23 -3.79
C ASP A 113 12.67 5.06 -3.36
N ASP A 114 12.66 4.72 -2.07
CA ASP A 114 13.50 3.61 -1.65
C ASP A 114 12.94 2.25 -2.05
N VAL A 115 11.66 2.02 -1.78
CA VAL A 115 11.04 0.74 -2.10
C VAL A 115 9.70 0.91 -2.84
N ALA A 116 9.54 0.17 -3.94
CA ALA A 116 8.29 0.23 -4.70
C ALA A 116 7.41 -0.91 -4.22
N THR A 117 6.23 -0.57 -3.72
CA THR A 117 5.29 -1.58 -3.23
C THR A 117 4.16 -1.70 -4.26
N THR A 118 3.06 -0.98 -4.04
CA THR A 118 1.95 -1.03 -4.97
C THR A 118 2.15 -0.06 -6.14
N GLY A 119 3.01 0.92 -5.92
CA GLY A 119 3.28 1.91 -6.94
C GLY A 119 2.42 3.15 -6.81
N THR A 120 1.39 3.09 -5.96
CA THR A 120 0.48 4.22 -5.79
C THR A 120 1.14 5.47 -5.18
N SER A 121 2.09 5.28 -4.28
CA SER A 121 2.76 6.43 -3.67
C SER A 121 3.56 7.17 -4.74
N ILE A 122 4.17 6.41 -5.65
CA ILE A 122 4.95 7.00 -6.72
C ILE A 122 3.99 7.65 -7.72
N ALA A 123 2.89 6.98 -8.00
CA ALA A 123 1.88 7.49 -8.94
C ALA A 123 1.37 8.86 -8.50
N LYS A 124 1.12 9.01 -7.20
CA LYS A 124 0.64 10.28 -6.66
C LYS A 124 1.66 11.38 -6.89
N SER A 125 2.94 11.07 -6.69
CA SER A 125 3.99 12.07 -6.89
C SER A 125 4.05 12.48 -8.36
N ILE A 126 3.85 11.50 -9.25
CA ILE A 126 3.88 11.77 -10.68
C ILE A 126 2.74 12.71 -11.06
N GLU A 127 1.56 12.50 -10.49
CA GLU A 127 0.43 13.36 -10.80
C GLU A 127 0.69 14.81 -10.36
N VAL A 128 1.29 14.97 -9.18
CA VAL A 128 1.59 16.31 -8.68
C VAL A 128 2.61 16.98 -9.60
N LEU A 129 3.65 16.24 -10.00
CA LEU A 129 4.66 16.79 -10.88
C LEU A 129 4.08 17.22 -12.24
N ARG A 130 3.29 16.34 -12.85
CA ARG A 130 2.72 16.63 -14.16
C ARG A 130 1.75 17.81 -14.15
N SER A 131 1.05 17.97 -13.02
CA SER A 131 0.10 19.07 -12.87
C SER A 131 0.80 20.39 -12.59
N ASN A 132 2.07 20.33 -12.19
CA ASN A 132 2.81 21.54 -11.89
C ASN A 132 3.85 21.93 -12.93
N GLY A 133 3.68 21.44 -14.15
CA GLY A 133 4.60 21.80 -15.23
C GLY A 133 5.87 20.99 -15.42
N TYR A 134 5.96 19.82 -14.80
CA TYR A 134 7.14 18.98 -14.96
C TYR A 134 6.79 17.80 -15.84
N THR A 135 7.80 17.17 -16.42
CA THR A 135 7.57 15.98 -17.21
C THR A 135 8.37 14.88 -16.52
N VAL A 136 7.82 13.67 -16.52
CA VAL A 136 8.49 12.55 -15.88
C VAL A 136 8.07 11.22 -16.49
N GLY A 137 9.06 10.42 -16.87
CA GLY A 137 8.75 9.12 -17.46
C GLY A 137 9.51 7.99 -16.82
N THR A 138 10.31 8.30 -15.82
CA THR A 138 11.11 7.30 -15.12
C THR A 138 11.01 7.43 -13.60
N ALA A 139 10.86 6.29 -12.94
CA ALA A 139 10.80 6.22 -11.47
C ALA A 139 11.93 5.26 -11.12
N LEU A 140 12.76 5.66 -10.16
CA LEU A 140 13.91 4.87 -9.76
C LEU A 140 13.82 4.50 -8.28
N VAL A 141 14.00 3.21 -7.98
CA VAL A 141 13.96 2.74 -6.61
C VAL A 141 15.10 1.77 -6.35
N LEU A 142 15.39 1.52 -5.09
CA LEU A 142 16.45 0.60 -4.70
C LEU A 142 15.92 -0.82 -4.81
N VAL A 143 14.74 -1.04 -4.25
CA VAL A 143 14.12 -2.36 -4.26
C VAL A 143 12.67 -2.35 -4.73
N ASP A 144 12.36 -3.22 -5.70
CA ASP A 144 11.00 -3.33 -6.20
C ASP A 144 10.47 -4.63 -5.61
N ARG A 145 9.37 -4.56 -4.88
CA ARG A 145 8.80 -5.76 -4.28
C ARG A 145 8.25 -6.69 -5.35
N GLY A 146 8.06 -6.15 -6.56
CA GLY A 146 7.53 -6.96 -7.65
C GLY A 146 6.10 -7.35 -7.38
N GLU A 147 5.33 -6.41 -6.86
CA GLU A 147 3.94 -6.67 -6.54
C GLU A 147 2.96 -5.71 -7.20
N GLY A 148 3.18 -5.46 -8.48
CA GLY A 148 2.29 -4.58 -9.23
C GLY A 148 2.68 -3.14 -9.49
N ALA A 149 3.75 -2.66 -8.84
CA ALA A 149 4.16 -1.27 -9.03
C ALA A 149 4.51 -0.94 -10.47
N GLY A 150 5.33 -1.79 -11.09
CA GLY A 150 5.73 -1.55 -12.47
C GLY A 150 4.57 -1.52 -13.45
N GLU A 151 3.61 -2.41 -13.27
CA GLU A 151 2.45 -2.47 -14.16
C GLU A 151 1.57 -1.25 -13.99
N LEU A 152 1.37 -0.82 -12.75
CA LEU A 152 0.54 0.33 -12.46
C LEU A 152 1.14 1.59 -13.07
N LEU A 153 2.45 1.76 -12.89
CA LEU A 153 3.13 2.94 -13.43
C LEU A 153 3.20 2.90 -14.95
N ALA A 154 3.31 1.70 -15.52
CA ALA A 154 3.38 1.56 -16.96
C ALA A 154 2.08 2.07 -17.59
N ARG A 155 0.98 1.90 -16.87
CA ARG A 155 -0.32 2.33 -17.36
C ARG A 155 -0.51 3.84 -17.36
N GLY A 157 2.19 5.86 -18.26
CA GLY A 157 3.36 6.32 -18.98
C GLY A 157 4.63 6.53 -18.17
N VAL A 158 4.85 5.69 -17.17
CA VAL A 158 6.05 5.79 -16.35
C VAL A 158 6.77 4.43 -16.29
N ARG A 159 8.08 4.46 -16.56
CA ARG A 159 8.89 3.26 -16.53
C ARG A 159 9.58 3.12 -15.18
N LEU A 160 9.28 2.05 -14.47
CA LEU A 160 9.89 1.82 -13.16
C LEU A 160 11.19 1.06 -13.36
N VAL A 161 12.26 1.53 -12.73
CA VAL A 161 13.56 0.88 -12.79
C VAL A 161 14.01 0.66 -11.34
N SER A 162 14.58 -0.51 -11.06
CA SER A 162 15.03 -0.80 -9.71
C SER A 162 16.43 -1.40 -9.68
N VAL A 163 17.14 -1.18 -8.58
CA VAL A 163 18.47 -1.73 -8.43
C VAL A 163 18.32 -3.24 -8.27
N ALA A 164 17.32 -3.63 -7.49
CA ALA A 164 17.06 -5.06 -7.28
C ALA A 164 15.60 -5.35 -6.95
N THR A 165 15.21 -6.60 -7.10
CA THR A 165 13.85 -6.99 -6.77
C THR A 165 13.95 -7.79 -5.47
N LEU A 166 12.86 -7.80 -4.72
CA LEU A 166 12.80 -8.52 -3.47
C LEU A 166 13.06 -10.00 -3.71
N LYS A 167 12.47 -10.54 -4.77
CA LYS A 167 12.66 -11.95 -5.09
C LYS A 167 14.13 -12.29 -5.26
N THR A 168 14.86 -11.46 -6.00
CA THR A 168 16.28 -11.70 -6.22
C THR A 168 17.08 -11.60 -4.93
N ILE A 169 16.74 -10.64 -4.09
CA ILE A 169 17.45 -10.48 -2.81
C ILE A 169 17.23 -11.68 -1.90
N LEU A 170 15.99 -12.15 -1.81
CA LEU A 170 15.71 -13.30 -0.94
C LEU A 170 16.40 -14.57 -1.43
N GLU A 171 16.44 -14.74 -2.75
CA GLU A 171 17.09 -15.90 -3.34
C GLU A 171 18.58 -15.88 -3.01
N LYS A 172 19.21 -14.74 -3.20
CA LYS A 172 20.64 -14.59 -2.92
C LYS A 172 20.98 -14.88 -1.47
N LEU A 173 20.07 -14.54 -0.57
CA LEU A 173 20.31 -14.76 0.86
C LEU A 173 19.87 -16.16 1.31
N GLY A 174 19.40 -16.97 0.37
CA GLY A 174 18.96 -18.31 0.71
C GLY A 174 17.88 -18.28 1.78
N TRP A 175 16.92 -17.39 1.56
CA TRP A 175 15.82 -17.18 2.48
C TRP A 175 14.89 -18.38 2.68
N GLY A 176 14.56 -19.06 1.59
CA GLY A 176 13.66 -20.20 1.68
C GLY A 176 12.23 -19.69 1.77
N GLY A 177 11.27 -20.56 1.50
CA GLY A 177 9.88 -20.16 1.57
C GLY A 177 8.93 -21.24 1.10
N LEU B 2 23.93 34.49 2.84
CA LEU B 2 22.68 33.72 2.84
C LEU B 2 21.47 34.57 2.47
N ALA B 3 21.44 35.81 2.94
CA ALA B 3 20.32 36.71 2.66
C ALA B 3 20.03 36.87 1.17
N LYS B 4 21.08 37.09 0.38
CA LYS B 4 20.91 37.25 -1.06
C LYS B 4 20.42 35.96 -1.72
N VAL B 5 20.91 34.83 -1.24
CA VAL B 5 20.48 33.55 -1.78
C VAL B 5 18.99 33.35 -1.51
N LEU B 6 18.56 33.68 -0.30
CA LEU B 6 17.15 33.53 0.04
C LEU B 6 16.26 34.39 -0.84
N LYS B 7 16.66 35.65 -1.02
CA LYS B 7 15.89 36.58 -1.85
C LYS B 7 15.75 36.04 -3.28
N LYS B 8 16.86 35.63 -3.86
CA LYS B 8 16.88 35.11 -5.23
C LYS B 8 15.97 33.90 -5.44
N ARG B 9 15.73 33.12 -4.39
CA ARG B 9 14.89 31.95 -4.49
C ARG B 9 13.48 32.18 -3.93
N GLY B 10 13.19 33.42 -3.56
CA GLY B 10 11.88 33.76 -3.02
C GLY B 10 11.55 32.98 -1.76
N ALA B 11 12.54 32.81 -0.89
CA ALA B 11 12.35 32.06 0.35
C ALA B 11 11.68 32.86 1.47
N VAL B 12 11.62 34.18 1.32
CA VAL B 12 10.99 35.03 2.35
C VAL B 12 9.62 35.47 1.86
N LEU B 13 8.56 35.00 2.52
CA LEU B 13 7.20 35.33 2.14
C LEU B 13 6.47 36.25 3.12
N ARG B 14 5.53 37.04 2.58
CA ARG B 14 4.74 37.95 3.39
C ARG B 14 3.33 37.38 3.52
N GLY B 15 2.68 37.70 4.63
CA GLY B 15 1.33 37.21 4.86
C GLY B 15 0.90 37.39 6.31
N ASP B 16 -0.10 36.63 6.74
CA ASP B 16 -0.60 36.70 8.11
C ASP B 16 -0.48 35.29 8.70
N PHE B 17 0.64 35.04 9.35
CA PHE B 17 0.94 33.73 9.91
C PHE B 17 0.81 33.67 11.43
N VAL B 18 0.50 32.48 11.93
CA VAL B 18 0.42 32.22 13.36
C VAL B 18 1.56 31.25 13.59
N LEU B 19 2.67 31.75 14.14
CA LEU B 19 3.83 30.88 14.38
C LEU B 19 3.54 29.82 15.44
N SER B 20 4.38 28.80 15.49
CA SER B 20 4.22 27.72 16.45
C SER B 20 4.32 28.21 17.89
N SER B 21 4.90 29.40 18.07
CA SER B 21 5.05 29.98 19.41
C SER B 21 3.71 30.58 19.85
N GLY B 22 2.79 30.73 18.89
CA GLY B 22 1.49 31.30 19.20
C GLY B 22 1.43 32.77 18.82
N ARG B 23 2.60 33.35 18.54
CA ARG B 23 2.68 34.74 18.16
C ARG B 23 2.38 34.90 16.67
N ARG B 24 1.72 35.99 16.30
CA ARG B 24 1.43 36.22 14.88
C ARG B 24 2.58 36.97 14.25
N SER B 25 2.82 36.70 12.97
CA SER B 25 3.91 37.34 12.24
C SER B 25 3.48 37.54 10.80
N SER B 26 4.11 38.50 10.13
CA SER B 26 3.80 38.78 8.73
C SER B 26 4.88 38.21 7.83
N VAL B 27 5.80 37.43 8.40
CA VAL B 27 6.89 36.85 7.63
C VAL B 27 7.06 35.35 7.84
N TYR B 28 7.27 34.64 6.75
CA TYR B 28 7.48 33.20 6.78
C TYR B 28 8.71 32.90 5.92
N ILE B 29 9.61 32.07 6.45
CA ILE B 29 10.81 31.71 5.71
C ILE B 29 10.75 30.25 5.25
N ASP B 30 10.77 30.05 3.94
CA ASP B 30 10.72 28.70 3.37
C ASP B 30 12.08 28.32 2.79
N ARG B 32 13.13 25.44 2.06
CA ARG B 32 13.05 24.36 1.08
C ARG B 32 13.31 24.84 -0.34
N ARG B 33 12.94 26.09 -0.63
CA ARG B 33 13.12 26.64 -1.95
C ARG B 33 14.58 26.70 -2.42
N LEU B 34 15.52 26.64 -1.48
CA LEU B 34 16.93 26.65 -1.87
C LEU B 34 17.34 25.32 -2.52
N LEU B 35 16.63 24.26 -2.16
CA LEU B 35 16.96 22.94 -2.70
C LEU B 35 16.78 22.81 -4.20
N GLY B 36 15.92 23.65 -4.78
CA GLY B 36 15.68 23.59 -6.21
C GLY B 36 16.68 24.32 -7.09
N ASP B 37 17.80 24.71 -6.51
CA ASP B 37 18.83 25.43 -7.25
C ASP B 37 20.18 25.04 -6.67
N GLU B 38 20.99 24.35 -7.48
CA GLU B 38 22.29 23.88 -7.02
C GLU B 38 23.19 24.98 -6.51
N SER B 39 23.22 26.13 -7.18
CA SER B 39 24.08 27.21 -6.73
C SER B 39 23.64 27.72 -5.37
N SER B 40 22.33 27.65 -5.10
CA SER B 40 21.80 28.11 -3.83
C SER B 40 22.03 27.13 -2.69
N TYR B 41 21.75 25.84 -2.90
CA TYR B 41 21.96 24.91 -1.80
C TYR B 41 23.43 24.61 -1.54
N SER B 42 24.28 24.79 -2.54
CA SER B 42 25.71 24.54 -2.34
C SER B 42 26.24 25.60 -1.40
N VAL B 43 25.78 26.84 -1.58
CA VAL B 43 26.18 27.95 -0.72
C VAL B 43 25.69 27.69 0.70
N ALA B 44 24.43 27.26 0.82
CA ALA B 44 23.86 26.97 2.11
C ALA B 44 24.62 25.85 2.82
N LEU B 45 25.00 24.82 2.07
CA LEU B 45 25.75 23.71 2.66
C LEU B 45 27.12 24.20 3.10
N ASP B 46 27.74 25.04 2.29
CA ASP B 46 29.06 25.57 2.64
C ASP B 46 28.99 26.34 3.95
N LEU B 47 27.92 27.13 4.10
CA LEU B 47 27.73 27.93 5.31
C LEU B 47 27.43 27.06 6.52
N LEU B 48 26.65 25.99 6.31
CA LEU B 48 26.32 25.07 7.40
C LEU B 48 27.59 24.41 7.93
N LEU B 49 28.46 24.01 7.00
CA LEU B 49 29.71 23.36 7.37
C LEU B 49 30.61 24.33 8.12
N GLU B 50 30.56 25.60 7.73
CA GLU B 50 31.38 26.62 8.38
C GLU B 50 30.91 26.85 9.82
N VAL B 51 29.61 27.05 9.99
CA VAL B 51 29.06 27.31 11.32
C VAL B 51 29.09 26.05 12.19
N GLY B 52 28.93 24.89 11.57
CA GLY B 52 28.95 23.64 12.31
C GLY B 52 30.30 23.41 13.00
N GLY B 53 31.35 23.89 12.35
CA GLY B 53 32.69 23.76 12.90
C GLY B 53 33.09 22.35 13.28
N GLN B 54 33.89 22.25 14.34
CA GLN B 54 34.38 20.95 14.79
C GLN B 54 33.30 20.08 15.44
N ASP B 55 32.25 20.69 15.95
CA ASP B 55 31.18 19.92 16.58
C ASP B 55 30.55 19.00 15.53
N LEU B 56 30.32 19.55 14.33
CA LEU B 56 29.73 18.76 13.26
C LEU B 56 30.74 17.78 12.69
N ALA B 57 31.98 18.25 12.51
CA ALA B 57 33.03 17.41 11.94
C ALA B 57 33.42 16.20 12.81
N ARG B 58 33.27 16.32 14.12
CA ARG B 58 33.64 15.23 15.04
C ARG B 58 32.48 14.29 15.38
N SER B 59 31.29 14.58 14.85
CA SER B 59 30.13 13.76 15.16
C SER B 59 30.19 12.33 14.63
N SER B 60 29.53 11.40 15.32
CA SER B 60 29.51 10.01 14.88
C SER B 60 28.45 9.86 13.77
N ALA B 61 27.53 10.82 13.69
CA ALA B 61 26.49 10.81 12.68
C ALA B 61 25.77 12.15 12.61
N VAL B 62 25.18 12.44 11.46
CA VAL B 62 24.42 13.66 11.28
C VAL B 62 22.96 13.22 11.37
N ILE B 63 22.17 13.88 12.20
CA ILE B 63 20.77 13.50 12.38
C ILE B 63 19.85 14.58 11.86
N GLY B 64 18.98 14.22 10.93
CA GLY B 64 18.06 15.21 10.39
C GLY B 64 16.69 15.13 11.05
N VAL B 65 15.96 16.23 10.99
CA VAL B 65 14.61 16.29 11.53
C VAL B 65 13.64 16.05 10.37
N ALA B 66 13.06 14.88 10.10
CA ALA B 66 12.02 14.75 9.08
C ALA B 66 10.88 15.76 9.10
N THR B 67 10.72 16.61 8.05
CA THR B 67 11.21 16.31 6.71
C THR B 67 12.08 17.42 6.11
N GLY B 68 11.68 18.49 6.83
CA GLY B 68 12.34 19.76 6.57
C GLY B 68 13.85 19.77 6.61
N GLY B 69 14.42 19.27 7.71
CA GLY B 69 15.87 19.25 7.82
C GLY B 69 16.49 17.99 7.25
N LEU B 70 15.68 17.14 6.65
CA LEU B 70 16.20 15.89 6.13
C LEU B 70 17.12 16.03 4.92
N PRO B 71 16.74 16.82 3.90
CA PRO B 71 17.64 16.94 2.75
C PRO B 71 18.99 17.54 3.15
N TRP B 72 18.95 18.56 4.02
CA TRP B 72 20.17 19.21 4.46
C TRP B 72 21.07 18.25 5.23
N ALA B 73 20.48 17.48 6.15
CA ALA B 73 21.25 16.52 6.92
C ALA B 73 21.85 15.45 6.01
N ALA B 74 21.06 14.99 5.04
CA ALA B 74 21.52 13.97 4.11
C ALA B 74 22.70 14.47 3.27
N LEU B 76 24.72 16.96 4.09
CA LEU B 76 25.87 17.19 4.96
C LEU B 76 26.55 15.85 5.25
N ALA B 77 25.76 14.82 5.52
CA ALA B 77 26.33 13.51 5.81
C ALA B 77 27.17 13.03 4.64
N LEU B 78 26.65 13.20 3.43
CA LEU B 78 27.38 12.77 2.24
C LEU B 78 28.68 13.56 2.07
N ARG B 79 28.60 14.87 2.23
CA ARG B 79 29.80 15.70 2.07
C ARG B 79 30.86 15.42 3.12
N LEU B 80 30.42 15.02 4.33
CA LEU B 80 31.31 14.68 5.44
C LEU B 80 31.66 13.19 5.54
N SER B 81 31.27 12.30 4.62
CA SER B 81 31.55 10.86 4.67
C SER B 81 31.10 10.30 6.02
N LYS B 82 29.95 10.81 6.50
CA LYS B 82 29.43 10.34 7.78
C LYS B 82 28.09 9.63 7.69
N PRO B 83 27.77 8.82 8.73
CA PRO B 83 26.49 8.10 8.76
C PRO B 83 25.36 9.13 8.88
N LEU B 84 24.17 8.75 8.42
CA LEU B 84 22.99 9.60 8.51
C LEU B 84 21.93 8.90 9.32
N GLY B 85 21.14 9.69 10.04
CA GLY B 85 20.04 9.15 10.81
C GLY B 85 18.99 10.24 10.84
N TYR B 86 17.78 9.91 11.23
CA TYR B 86 16.75 10.93 11.32
C TYR B 86 15.58 10.49 12.18
N VAL B 87 14.91 11.47 12.74
CA VAL B 87 13.77 11.23 13.61
C VAL B 87 12.54 11.89 13.03
N ARG B 88 11.40 11.22 13.18
CA ARG B 88 10.15 11.77 12.70
C ARG B 88 9.45 12.26 13.96
N PRO B 89 9.61 13.56 14.29
CA PRO B 89 8.98 14.11 15.49
C PRO B 89 7.45 14.12 15.40
N SER B 98 9.67 5.32 19.77
CA SER B 98 10.30 5.94 18.59
C SER B 98 11.72 5.43 18.40
N GLN B 99 12.18 5.45 17.17
CA GLN B 99 13.53 5.01 16.86
C GLN B 99 14.25 6.05 16.01
N VAL B 100 15.55 5.91 15.89
CA VAL B 100 16.34 6.81 15.07
C VAL B 100 16.47 6.09 13.75
N GLU B 101 15.75 6.55 12.73
CA GLU B 101 15.79 5.91 11.42
C GLU B 101 17.21 5.92 10.88
N GLY B 102 17.64 4.80 10.28
CA GLY B 102 18.98 4.73 9.74
C GLY B 102 19.92 3.92 10.63
N ASP B 103 19.59 3.87 11.92
CA ASP B 103 20.38 3.15 12.91
C ASP B 103 21.87 3.47 12.83
N PRO B 104 22.22 4.76 12.89
CA PRO B 104 23.64 5.13 12.82
C PRO B 104 24.37 4.67 14.10
N PRO B 105 25.70 4.57 14.05
CA PRO B 105 26.48 4.14 15.22
C PRO B 105 26.29 5.02 16.45
N LYS B 106 26.24 4.39 17.62
CA LYS B 106 26.06 5.12 18.86
C LYS B 106 27.24 6.05 19.12
N GLY B 107 26.95 7.23 19.64
CA GLY B 107 27.99 8.20 19.92
C GLY B 107 27.39 9.59 19.97
N ARG B 108 28.26 10.60 19.89
CA ARG B 108 27.83 11.99 19.92
C ARG B 108 27.46 12.41 18.51
N VAL B 109 26.20 12.83 18.35
CA VAL B 109 25.70 13.24 17.04
C VAL B 109 25.25 14.70 17.06
N VAL B 110 25.04 15.24 15.86
CA VAL B 110 24.57 16.62 15.73
C VAL B 110 23.24 16.59 15.00
N VAL B 111 22.26 17.33 15.52
CA VAL B 111 20.94 17.39 14.91
C VAL B 111 20.88 18.60 13.97
N VAL B 112 20.34 18.40 12.78
CA VAL B 112 20.25 19.47 11.80
C VAL B 112 18.81 19.70 11.32
N ASP B 113 18.41 20.96 11.23
CA ASP B 113 17.07 21.29 10.74
C ASP B 113 17.22 22.56 9.92
N ASP B 114 16.22 22.90 9.11
CA ASP B 114 16.34 24.10 8.29
C ASP B 114 16.04 25.40 9.02
N VAL B 115 14.90 25.48 9.68
CA VAL B 115 14.55 26.70 10.39
C VAL B 115 14.10 26.38 11.80
N ALA B 116 14.62 27.12 12.77
CA ALA B 116 14.25 26.90 14.17
C ALA B 116 13.29 27.99 14.61
N THR B 117 12.12 27.61 15.08
CA THR B 117 11.13 28.57 15.56
C THR B 117 11.03 28.34 17.07
N THR B 118 10.17 27.44 17.52
CA THR B 118 10.07 27.17 18.96
C THR B 118 11.17 26.20 19.38
N GLY B 119 11.66 25.43 18.42
CA GLY B 119 12.70 24.46 18.69
C GLY B 119 12.12 23.12 19.10
N THR B 120 10.79 23.03 19.10
CA THR B 120 10.09 21.82 19.49
C THR B 120 10.44 20.60 18.65
N SER B 121 10.51 20.78 17.33
CA SER B 121 10.84 19.66 16.45
C SER B 121 12.23 19.12 16.76
N ILE B 122 13.17 20.02 17.01
CA ILE B 122 14.53 19.60 17.33
C ILE B 122 14.58 18.95 18.71
N ALA B 123 13.86 19.54 19.65
CA ALA B 123 13.81 19.01 21.01
C ALA B 123 13.30 17.56 21.02
N LYS B 124 12.26 17.30 20.23
CA LYS B 124 11.68 15.96 20.16
C LYS B 124 12.70 14.95 19.63
N SER B 125 13.44 15.37 18.60
CA SER B 125 14.44 14.51 18.01
C SER B 125 15.53 14.20 19.04
N ILE B 126 15.92 15.21 19.81
CA ILE B 126 16.95 15.02 20.83
C ILE B 126 16.47 14.04 21.88
N GLU B 127 15.19 14.13 22.24
CA GLU B 127 14.61 13.22 23.22
C GLU B 127 14.71 11.78 22.72
N VAL B 128 14.36 11.56 21.45
CA VAL B 128 14.41 10.22 20.87
C VAL B 128 15.86 9.73 20.77
N LEU B 129 16.77 10.62 20.39
CA LEU B 129 18.17 10.23 20.29
C LEU B 129 18.72 9.78 21.64
N ARG B 130 18.44 10.54 22.67
CA ARG B 130 18.93 10.20 24.01
C ARG B 130 18.27 8.94 24.56
N SER B 131 17.00 8.72 24.23
CA SER B 131 16.33 7.51 24.70
C SER B 131 16.98 6.29 24.07
N ASN B 132 17.61 6.48 22.91
CA ASN B 132 18.27 5.38 22.21
C ASN B 132 19.77 5.28 22.39
N GLY B 133 20.29 5.96 23.41
CA GLY B 133 21.71 5.86 23.69
C GLY B 133 22.68 6.83 23.05
N TYR B 134 22.19 7.71 22.18
CA TYR B 134 23.05 8.68 21.53
C TYR B 134 23.18 9.88 22.46
N THR B 135 24.23 10.67 22.25
CA THR B 135 24.39 11.89 23.02
C THR B 135 24.39 13.02 22.00
N VAL B 136 23.93 14.19 22.42
CA VAL B 136 23.89 15.34 21.53
C VAL B 136 24.04 16.61 22.36
N GLY B 137 24.91 17.50 21.90
CA GLY B 137 25.11 18.75 22.61
C GLY B 137 25.02 19.96 21.71
N THR B 138 24.83 19.73 20.41
CA THR B 138 24.75 20.80 19.43
C THR B 138 23.67 20.55 18.38
N ALA B 139 22.94 21.62 18.04
CA ALA B 139 21.90 21.58 17.03
C ALA B 139 22.26 22.65 16.02
N LEU B 140 22.12 22.34 14.73
CA LEU B 140 22.50 23.26 13.66
C LEU B 140 21.33 23.55 12.72
N VAL B 141 21.11 24.83 12.43
CA VAL B 141 20.05 25.24 11.52
C VAL B 141 20.54 26.34 10.59
N LEU B 142 19.83 26.56 9.49
CA LEU B 142 20.20 27.60 8.55
C LEU B 142 19.70 28.94 9.10
N VAL B 143 18.47 28.94 9.61
CA VAL B 143 17.92 30.18 10.17
C VAL B 143 17.20 29.99 11.49
N ASP B 144 17.52 30.87 12.42
CA ASP B 144 16.90 30.87 13.74
C ASP B 144 16.01 32.10 13.80
N ARG B 145 14.72 31.90 13.99
CA ARG B 145 13.75 33.00 14.05
C ARG B 145 13.76 33.76 15.37
N GLY B 146 14.45 33.22 16.38
CA GLY B 146 14.49 33.88 17.67
C GLY B 146 13.12 33.80 18.34
N GLU B 147 12.48 32.65 18.23
CA GLU B 147 11.17 32.43 18.84
C GLU B 147 11.21 31.44 20.00
N GLY B 148 12.38 31.34 20.65
CA GLY B 148 12.53 30.46 21.80
C GLY B 148 13.34 29.18 21.65
N ALA B 149 13.75 28.85 20.43
CA ALA B 149 14.50 27.62 20.20
C ALA B 149 15.80 27.56 20.99
N GLY B 150 16.56 28.64 20.97
CA GLY B 150 17.83 28.65 21.70
C GLY B 150 17.65 28.34 23.17
N GLU B 151 16.64 28.95 23.78
CA GLU B 151 16.38 28.76 25.20
C GLU B 151 15.91 27.34 25.51
N LEU B 152 15.00 26.83 24.68
CA LEU B 152 14.48 25.49 24.89
C LEU B 152 15.58 24.45 24.80
N LEU B 153 16.44 24.58 23.79
CA LEU B 153 17.52 23.62 23.63
C LEU B 153 18.57 23.76 24.72
N ALA B 154 18.87 24.99 25.13
CA ALA B 154 19.84 25.21 26.20
C ALA B 154 19.33 24.54 27.48
N ARG B 155 18.03 24.58 27.68
CA ARG B 155 17.42 23.98 28.87
C ARG B 155 17.76 22.48 28.91
N GLY B 157 20.44 21.11 27.58
CA GLY B 157 21.87 20.94 27.35
C GLY B 157 22.33 20.86 25.91
N VAL B 158 21.67 21.61 25.04
CA VAL B 158 22.01 21.61 23.63
C VAL B 158 22.23 23.03 23.15
N ARG B 159 23.37 23.29 22.54
CA ARG B 159 23.70 24.62 22.02
C ARG B 159 23.25 24.77 20.57
N LEU B 160 22.38 25.74 20.32
CA LEU B 160 21.86 25.97 18.98
C LEU B 160 22.77 26.91 18.22
N VAL B 161 23.20 26.48 17.03
CA VAL B 161 24.04 27.32 16.18
C VAL B 161 23.27 27.51 14.88
N SER B 162 23.30 28.73 14.36
CA SER B 162 22.59 29.03 13.13
C SER B 162 23.47 29.81 12.17
N VAL B 163 23.22 29.64 10.88
CA VAL B 163 23.98 30.37 9.88
C VAL B 163 23.60 31.85 9.99
N ALA B 164 22.31 32.10 10.24
CA ALA B 164 21.83 33.47 10.39
C ALA B 164 20.52 33.53 11.16
N THR B 165 20.23 34.71 11.69
CA THR B 165 18.99 34.94 12.43
C THR B 165 18.07 35.63 11.45
N LEU B 166 16.77 35.50 11.66
CA LEU B 166 15.81 36.14 10.78
C LEU B 166 16.00 37.65 10.85
N LYS B 167 16.36 38.16 12.03
CA LYS B 167 16.56 39.59 12.21
C LYS B 167 17.61 40.11 11.23
N THR B 168 18.72 39.39 11.14
CA THR B 168 19.81 39.76 10.23
C THR B 168 19.36 39.73 8.79
N ILE B 169 18.65 38.67 8.41
CA ILE B 169 18.17 38.51 7.05
C ILE B 169 17.25 39.66 6.65
N LEU B 170 16.27 39.96 7.49
CA LEU B 170 15.32 41.04 7.21
C LEU B 170 15.99 42.40 7.12
N GLU B 171 17.02 42.64 7.94
CA GLU B 171 17.71 43.91 7.89
C GLU B 171 18.51 44.03 6.59
N LYS B 172 19.16 42.94 6.20
CA LYS B 172 19.94 42.94 4.97
C LYS B 172 19.08 43.13 3.73
N LEU B 173 17.89 42.53 3.74
CA LEU B 173 16.97 42.64 2.62
C LEU B 173 16.21 43.96 2.64
N GLY B 174 16.50 44.79 3.64
CA GLY B 174 15.83 46.08 3.74
C GLY B 174 14.38 46.01 4.19
N TRP B 175 13.97 44.87 4.74
CA TRP B 175 12.60 44.70 5.21
C TRP B 175 12.39 45.44 6.51
N LEU C 2 -19.63 -1.27 14.96
CA LEU C 2 -18.58 -1.95 14.23
C LEU C 2 -17.31 -2.09 15.06
N ALA C 3 -16.97 -1.02 15.79
CA ALA C 3 -15.77 -1.02 16.62
C ALA C 3 -15.72 -2.23 17.56
N LYS C 4 -16.85 -2.58 18.15
CA LYS C 4 -16.88 -3.73 19.07
C LYS C 4 -16.61 -5.07 18.39
N VAL C 5 -17.15 -5.29 17.20
CA VAL C 5 -16.91 -6.55 16.51
C VAL C 5 -15.46 -6.63 16.04
N LEU C 6 -14.89 -5.49 15.66
CA LEU C 6 -13.50 -5.44 15.20
C LEU C 6 -12.61 -5.83 16.38
N LYS C 7 -12.97 -5.33 17.55
CA LYS C 7 -12.24 -5.60 18.79
C LYS C 7 -12.31 -7.11 19.08
N LYS C 8 -13.52 -7.66 19.05
CA LYS C 8 -13.73 -9.09 19.30
C LYS C 8 -12.97 -10.00 18.36
N ARG C 9 -12.82 -9.59 17.10
CA ARG C 9 -12.12 -10.43 16.13
C ARG C 9 -10.66 -10.05 15.92
N GLY C 10 -10.15 -9.14 16.73
CA GLY C 10 -8.76 -8.71 16.59
C GLY C 10 -8.45 -8.19 15.21
N ALA C 11 -9.34 -7.34 14.68
CA ALA C 11 -9.18 -6.77 13.35
C ALA C 11 -8.25 -5.57 13.30
N VAL C 12 -7.97 -4.98 14.46
CA VAL C 12 -7.09 -3.81 14.51
C VAL C 12 -5.71 -4.25 14.99
N LEU C 13 -4.72 -4.15 14.11
CA LEU C 13 -3.37 -4.57 14.45
C LEU C 13 -2.38 -3.42 14.57
N ARG C 14 -1.33 -3.64 15.37
CA ARG C 14 -0.28 -2.65 15.57
C ARG C 14 1.00 -3.13 14.90
N GLY C 15 1.85 -2.18 14.52
CA GLY C 15 3.10 -2.53 13.88
C GLY C 15 3.69 -1.34 13.16
N ASP C 16 4.55 -1.60 12.18
CA ASP C 16 5.18 -0.54 11.40
C ASP C 16 4.81 -0.77 9.94
N PHE C 17 3.75 -0.09 9.50
CA PHE C 17 3.27 -0.26 8.14
C PHE C 17 3.54 0.94 7.23
N VAL C 18 3.67 0.67 5.94
CA VAL C 18 3.85 1.70 4.94
C VAL C 18 2.58 1.61 4.11
N LEU C 19 1.64 2.52 4.35
CA LEU C 19 0.38 2.50 3.62
C LEU C 19 0.58 2.77 2.13
N SER C 20 -0.42 2.39 1.34
CA SER C 20 -0.38 2.57 -0.11
C SER C 20 -0.25 4.04 -0.49
N SER C 21 -0.57 4.93 0.46
CA SER C 21 -0.48 6.36 0.20
C SER C 21 0.98 6.83 0.30
N GLY C 22 1.82 6.03 0.93
CA GLY C 22 3.21 6.41 1.07
C GLY C 22 3.58 6.78 2.49
N ARG C 23 2.59 7.13 3.30
CA ARG C 23 2.88 7.50 4.67
C ARG C 23 2.91 6.26 5.56
N ARG C 24 3.71 6.33 6.62
CA ARG C 24 3.81 5.21 7.55
C ARG C 24 2.73 5.32 8.62
N SER C 25 2.29 4.18 9.10
CA SER C 25 1.26 4.13 10.13
C SER C 25 1.56 2.96 11.05
N SER C 26 1.13 3.06 12.30
CA SER C 26 1.35 2.00 13.26
C SER C 26 0.10 1.15 13.41
N VAL C 27 -0.90 1.41 12.56
CA VAL C 27 -2.15 0.67 12.62
C VAL C 27 -2.58 0.11 11.28
N TYR C 28 -3.08 -1.13 11.30
CA TYR C 28 -3.57 -1.79 10.11
C TYR C 28 -4.90 -2.44 10.49
N ILE C 29 -5.90 -2.30 9.61
CA ILE C 29 -7.20 -2.88 9.87
C ILE C 29 -7.46 -4.05 8.92
N ASP C 30 -7.69 -5.23 9.49
CA ASP C 30 -7.95 -6.42 8.68
C ASP C 30 -9.41 -6.83 8.79
N ARG C 32 -11.01 -8.75 6.95
CA ARG C 32 -11.22 -10.15 6.60
C ARG C 32 -11.51 -11.02 7.82
N ARG C 33 -10.92 -10.66 8.96
CA ARG C 33 -11.11 -11.46 10.17
C ARG C 33 -12.57 -11.53 10.62
N LEU C 34 -13.41 -10.61 10.16
CA LEU C 34 -14.82 -10.65 10.54
C LEU C 34 -15.54 -11.82 9.85
N LEU C 35 -15.03 -12.22 8.69
CA LEU C 35 -15.66 -13.29 7.93
C LEU C 35 -15.64 -14.65 8.61
N GLY C 36 -14.70 -14.86 9.53
CA GLY C 36 -14.61 -16.15 10.21
C GLY C 36 -15.50 -16.30 11.43
N ASP C 37 -16.52 -15.45 11.55
CA ASP C 37 -17.44 -15.50 12.67
C ASP C 37 -18.79 -14.97 12.19
N GLU C 38 -19.80 -15.84 12.12
CA GLU C 38 -21.12 -15.47 11.66
C GLU C 38 -21.69 -14.28 12.42
N SER C 39 -21.49 -14.27 13.74
CA SER C 39 -21.99 -13.17 14.55
C SER C 39 -21.35 -11.84 14.16
N SER C 40 -20.08 -11.88 13.77
CA SER C 40 -19.38 -10.65 13.40
C SER C 40 -19.70 -10.16 11.99
N TYR C 41 -19.67 -11.04 11.00
CA TYR C 41 -19.96 -10.56 9.65
C TYR C 41 -21.43 -10.21 9.45
N SER C 42 -22.33 -10.81 10.23
CA SER C 42 -23.75 -10.48 10.06
C SER C 42 -23.98 -9.04 10.52
N VAL C 43 -23.27 -8.64 11.57
CA VAL C 43 -23.37 -7.27 12.09
C VAL C 43 -22.83 -6.30 11.03
N ALA C 44 -21.70 -6.66 10.43
CA ALA C 44 -21.10 -5.82 9.40
C ALA C 44 -22.03 -5.72 8.21
N LEU C 45 -22.64 -6.84 7.81
CA LEU C 45 -23.56 -6.84 6.68
C LEU C 45 -24.75 -5.94 6.93
N ASP C 46 -25.31 -6.02 8.13
CA ASP C 46 -26.47 -5.19 8.46
C ASP C 46 -26.12 -3.71 8.38
N LEU C 47 -24.92 -3.37 8.86
CA LEU C 47 -24.46 -1.97 8.85
C LEU C 47 -24.22 -1.49 7.42
N LEU C 48 -23.73 -2.39 6.57
CA LEU C 48 -23.50 -2.02 5.17
C LEU C 48 -24.84 -1.70 4.54
N LEU C 49 -25.86 -2.50 4.87
CA LEU C 49 -27.21 -2.32 4.34
C LEU C 49 -27.91 -1.09 4.89
N GLU C 50 -27.54 -0.69 6.10
CA GLU C 50 -28.16 0.48 6.71
C GLU C 50 -27.67 1.77 6.07
N VAL C 51 -26.37 1.83 5.78
CA VAL C 51 -25.79 3.02 5.20
C VAL C 51 -25.68 2.96 3.67
N GLY C 52 -25.89 1.78 3.11
CA GLY C 52 -25.80 1.66 1.66
C GLY C 52 -26.94 0.89 1.00
N GLY C 53 -27.78 0.26 1.81
CA GLY C 53 -28.89 -0.52 1.29
C GLY C 53 -29.81 0.16 0.29
N GLN C 54 -30.02 1.47 0.46
CA GLN C 54 -30.90 2.23 -0.43
C GLN C 54 -30.40 2.25 -1.86
N ASP C 55 -29.25 2.88 -2.09
CA ASP C 55 -28.66 2.97 -3.42
C ASP C 55 -28.33 1.56 -3.91
N LEU C 56 -28.17 0.65 -2.94
CA LEU C 56 -27.85 -0.74 -3.22
C LEU C 56 -29.05 -1.48 -3.79
N ALA C 57 -30.22 -1.24 -3.20
CA ALA C 57 -31.46 -1.89 -3.64
C ALA C 57 -31.90 -1.41 -5.01
N ARG C 58 -31.52 -0.18 -5.36
CA ARG C 58 -31.90 0.39 -6.65
C ARG C 58 -30.87 0.13 -7.75
N SER C 59 -29.76 -0.51 -7.40
CA SER C 59 -28.71 -0.79 -8.39
C SER C 59 -29.06 -2.01 -9.23
N SER C 60 -28.42 -2.12 -10.40
CA SER C 60 -28.66 -3.26 -11.28
C SER C 60 -27.80 -4.44 -10.84
N ALA C 61 -26.72 -4.14 -10.11
CA ALA C 61 -25.83 -5.18 -9.61
C ALA C 61 -24.88 -4.65 -8.55
N VAL C 62 -24.37 -5.57 -7.73
CA VAL C 62 -23.40 -5.22 -6.70
C VAL C 62 -22.06 -5.66 -7.29
N ILE C 63 -21.07 -4.78 -7.26
CA ILE C 63 -19.75 -5.11 -7.82
C ILE C 63 -18.69 -5.13 -6.72
N GLY C 64 -18.00 -6.26 -6.59
CA GLY C 64 -16.98 -6.35 -5.56
C GLY C 64 -15.60 -6.11 -6.12
N VAL C 65 -14.68 -5.71 -5.25
CA VAL C 65 -13.29 -5.47 -5.63
C VAL C 65 -12.51 -6.74 -5.32
N ALA C 66 -12.09 -7.52 -6.34
CA ALA C 66 -11.15 -8.60 -6.02
C ALA C 66 -9.94 -8.23 -5.18
N THR C 67 -9.90 -8.70 -3.92
CA THR C 67 -10.29 -9.99 -3.40
C THR C 67 -11.09 -9.90 -2.10
N GLY C 68 -10.43 -8.93 -1.48
CA GLY C 68 -10.86 -8.18 -0.31
C GLY C 68 -12.34 -7.86 -0.17
N GLY C 69 -12.88 -7.10 -1.10
CA GLY C 69 -14.29 -6.74 -1.01
C GLY C 69 -15.21 -7.73 -1.68
N LEU C 70 -14.65 -8.85 -2.16
CA LEU C 70 -15.46 -9.82 -2.85
C LEU C 70 -16.46 -10.59 -1.97
N PRO C 71 -16.02 -11.08 -0.80
CA PRO C 71 -16.99 -11.80 0.04
C PRO C 71 -18.16 -10.92 0.48
N TRP C 72 -17.86 -9.67 0.83
CA TRP C 72 -18.90 -8.74 1.26
C TRP C 72 -19.88 -8.46 0.13
N ALA C 73 -19.35 -8.25 -1.08
CA ALA C 73 -20.19 -7.97 -2.24
C ALA C 73 -21.08 -9.18 -2.54
N ALA C 74 -20.51 -10.38 -2.43
CA ALA C 74 -21.26 -11.60 -2.70
C ALA C 74 -22.38 -11.78 -1.69
N LEU C 76 -23.83 -9.37 0.13
CA LEU C 76 -24.84 -8.33 -0.08
C LEU C 76 -25.73 -8.67 -1.27
N ALA C 77 -25.12 -9.18 -2.35
CA ALA C 77 -25.87 -9.55 -3.53
C ALA C 77 -26.91 -10.62 -3.20
N LEU C 78 -26.50 -11.64 -2.47
CA LEU C 78 -27.40 -12.71 -2.09
C LEU C 78 -28.52 -12.17 -1.20
N ARG C 79 -28.16 -11.35 -0.23
CA ARG C 79 -29.14 -10.76 0.69
C ARG C 79 -30.20 -9.92 -0.01
N LEU C 80 -29.80 -9.25 -1.09
CA LEU C 80 -30.71 -8.39 -1.85
C LEU C 80 -31.26 -9.03 -3.12
N SER C 81 -30.91 -10.29 -3.37
CA SER C 81 -31.34 -11.02 -4.57
C SER C 81 -30.95 -10.23 -5.81
N LYS C 82 -29.73 -9.69 -5.79
CA LYS C 82 -29.20 -8.89 -6.88
C LYS C 82 -28.05 -9.58 -7.62
N PRO C 83 -27.83 -9.22 -8.89
CA PRO C 83 -26.73 -9.81 -9.65
C PRO C 83 -25.39 -9.40 -9.02
N LEU C 84 -24.38 -10.23 -9.21
CA LEU C 84 -23.05 -9.94 -8.67
C LEU C 84 -22.04 -9.86 -9.81
N GLY C 85 -21.06 -9.00 -9.64
CA GLY C 85 -20.01 -8.88 -10.62
C GLY C 85 -18.78 -8.46 -9.84
N TYR C 86 -17.60 -8.52 -10.47
CA TYR C 86 -16.41 -8.09 -9.78
C TYR C 86 -15.28 -7.84 -10.76
N VAL C 87 -14.35 -6.99 -10.33
CA VAL C 87 -13.22 -6.62 -11.15
C VAL C 87 -11.92 -7.01 -10.46
N ARG C 88 -10.98 -7.48 -11.26
CA ARG C 88 -9.66 -7.88 -10.77
C ARG C 88 -8.74 -6.68 -10.97
N SER C 98 -9.82 -5.24 -20.00
CA SER C 98 -10.39 -5.82 -18.79
C SER C 98 -11.89 -6.05 -18.93
N GLN C 99 -12.43 -6.93 -18.09
CA GLN C 99 -13.85 -7.26 -18.13
C GLN C 99 -14.43 -7.26 -16.73
N VAL C 100 -15.76 -7.22 -16.65
CA VAL C 100 -16.44 -7.28 -15.37
C VAL C 100 -16.85 -8.73 -15.21
N GLU C 101 -16.14 -9.46 -14.36
CA GLU C 101 -16.42 -10.86 -14.14
C GLU C 101 -17.86 -11.01 -13.65
N GLY C 102 -18.57 -12.01 -14.18
CA GLY C 102 -19.95 -12.22 -13.80
C GLY C 102 -20.90 -11.74 -14.87
N ASP C 103 -20.45 -10.74 -15.63
CA ASP C 103 -21.25 -10.15 -16.71
C ASP C 103 -22.66 -9.78 -16.27
N PRO C 104 -22.78 -8.99 -15.18
CA PRO C 104 -24.10 -8.59 -14.70
C PRO C 104 -24.78 -7.66 -15.70
N PRO C 105 -26.11 -7.50 -15.59
CA PRO C 105 -26.84 -6.63 -16.51
C PRO C 105 -26.38 -5.17 -16.49
N LYS C 106 -26.26 -4.57 -17.67
CA LYS C 106 -25.84 -3.18 -17.77
C LYS C 106 -26.82 -2.27 -17.03
N GLY C 107 -26.28 -1.24 -16.39
CA GLY C 107 -27.10 -0.31 -15.64
C GLY C 107 -26.23 0.36 -14.59
N ARG C 108 -26.87 1.00 -13.60
CA ARG C 108 -26.13 1.67 -12.55
C ARG C 108 -25.81 0.62 -11.48
N VAL C 109 -24.54 0.51 -11.12
CA VAL C 109 -24.12 -0.47 -10.11
C VAL C 109 -23.43 0.22 -8.95
N VAL C 110 -23.26 -0.50 -7.84
CA VAL C 110 -22.58 0.01 -6.65
C VAL C 110 -21.35 -0.85 -6.40
N VAL C 111 -20.20 -0.20 -6.20
CA VAL C 111 -18.95 -0.91 -5.94
C VAL C 111 -18.77 -1.06 -4.43
N VAL C 112 -18.38 -2.26 -4.00
CA VAL C 112 -18.19 -2.55 -2.58
C VAL C 112 -16.80 -3.09 -2.31
N ASP C 113 -16.14 -2.54 -1.30
CA ASP C 113 -14.80 -3.00 -0.90
C ASP C 113 -14.82 -3.01 0.63
N ASP C 114 -13.86 -3.67 1.25
CA ASP C 114 -13.83 -3.72 2.70
C ASP C 114 -13.23 -2.48 3.35
N VAL C 115 -12.03 -2.11 2.93
CA VAL C 115 -11.37 -0.93 3.50
C VAL C 115 -10.85 -0.03 2.40
N ALA C 116 -11.09 1.27 2.55
CA ALA C 116 -10.61 2.23 1.56
C ALA C 116 -9.42 2.99 2.14
N THR C 117 -8.29 2.95 1.44
CA THR C 117 -7.10 3.66 1.86
C THR C 117 -6.90 4.79 0.85
N THR C 118 -6.21 4.52 -0.25
CA THR C 118 -6.02 5.57 -1.26
C THR C 118 -7.22 5.60 -2.20
N GLY C 119 -7.94 4.48 -2.28
CA GLY C 119 -9.10 4.39 -3.14
C GLY C 119 -8.75 3.89 -4.53
N THR C 120 -7.47 3.60 -4.75
CA THR C 120 -7.01 3.12 -6.05
C THR C 120 -7.71 1.86 -6.53
N SER C 121 -7.86 0.87 -5.65
CA SER C 121 -8.50 -0.37 -6.03
C SER C 121 -9.93 -0.12 -6.48
N ILE C 122 -10.64 0.76 -5.78
CA ILE C 122 -12.02 1.07 -6.15
C ILE C 122 -12.03 1.86 -7.46
N ALA C 123 -11.14 2.82 -7.57
CA ALA C 123 -11.05 3.66 -8.77
C ALA C 123 -10.81 2.81 -10.02
N LYS C 124 -9.94 1.81 -9.90
CA LYS C 124 -9.63 0.94 -11.04
C LYS C 124 -10.85 0.13 -11.46
N SER C 125 -11.61 -0.32 -10.47
CA SER C 125 -12.81 -1.09 -10.75
C SER C 125 -13.83 -0.19 -11.44
N ILE C 126 -13.89 1.06 -11.02
CA ILE C 126 -14.82 2.01 -11.62
C ILE C 126 -14.44 2.26 -13.07
N GLU C 127 -13.15 2.35 -13.34
CA GLU C 127 -12.67 2.57 -14.70
C GLU C 127 -13.12 1.42 -15.60
N VAL C 128 -12.97 0.18 -15.14
CA VAL C 128 -13.35 -0.99 -15.92
C VAL C 128 -14.86 -1.06 -16.13
N LEU C 129 -15.62 -0.75 -15.09
CA LEU C 129 -17.07 -0.76 -15.19
C LEU C 129 -17.57 0.22 -16.25
N ARG C 130 -17.05 1.45 -16.20
CA ARG C 130 -17.47 2.46 -17.16
C ARG C 130 -17.02 2.12 -18.58
N SER C 131 -15.84 1.54 -18.71
CA SER C 131 -15.35 1.15 -20.03
C SER C 131 -16.26 0.09 -20.62
N ASN C 132 -16.95 -0.65 -19.75
CA ASN C 132 -17.86 -1.70 -20.21
C ASN C 132 -19.33 -1.32 -20.25
N GLY C 133 -19.62 -0.03 -20.23
CA GLY C 133 -21.01 0.41 -20.33
C GLY C 133 -21.82 0.60 -19.06
N TYR C 134 -21.27 0.22 -17.91
CA TYR C 134 -21.99 0.39 -16.65
C TYR C 134 -21.79 1.80 -16.14
N THR C 135 -22.68 2.26 -15.27
CA THR C 135 -22.53 3.56 -14.66
C THR C 135 -22.42 3.31 -13.16
N VAL C 136 -21.68 4.18 -12.48
CA VAL C 136 -21.50 4.06 -11.04
C VAL C 136 -21.31 5.42 -10.40
N GLY C 137 -22.06 5.68 -9.34
CA GLY C 137 -21.93 6.96 -8.66
C GLY C 137 -21.69 6.83 -7.18
N THR C 138 -21.67 5.60 -6.68
CA THR C 138 -21.47 5.35 -5.26
C THR C 138 -20.59 4.14 -4.99
N ALA C 139 -19.72 4.26 -3.99
CA ALA C 139 -18.83 3.19 -3.57
C ALA C 139 -19.11 3.01 -2.08
N LEU C 140 -19.23 1.76 -1.65
CA LEU C 140 -19.53 1.46 -0.26
C LEU C 140 -18.44 0.60 0.38
N VAL C 141 -17.99 0.98 1.57
CA VAL C 141 -16.97 0.22 2.27
C VAL C 141 -17.30 0.12 3.76
N LEU C 142 -16.64 -0.79 4.44
CA LEU C 142 -16.87 -0.94 5.87
C LEU C 142 -16.08 0.15 6.60
N VAL C 143 -14.82 0.33 6.23
CA VAL C 143 -14.01 1.34 6.87
C VAL C 143 -13.19 2.20 5.91
N ASP C 144 -13.24 3.51 6.12
CA ASP C 144 -12.50 4.47 5.32
C ASP C 144 -11.40 4.99 6.25
N ARG C 145 -10.14 4.84 5.83
CA ARG C 145 -9.01 5.28 6.65
C ARG C 145 -8.70 6.77 6.57
N GLY C 146 -9.37 7.47 5.67
CA GLY C 146 -9.13 8.90 5.51
C GLY C 146 -7.76 9.15 4.91
N GLU C 147 -7.38 8.34 3.93
CA GLU C 147 -6.09 8.47 3.25
C GLU C 147 -6.23 8.92 1.80
N GLY C 148 -7.33 9.61 1.49
CA GLY C 148 -7.52 10.11 0.14
C GLY C 148 -8.56 9.46 -0.76
N ALA C 149 -9.14 8.34 -0.33
CA ALA C 149 -10.12 7.65 -1.15
C ALA C 149 -11.32 8.52 -1.52
N GLY C 150 -11.88 9.21 -0.52
CA GLY C 150 -13.02 10.05 -0.77
C GLY C 150 -12.76 11.10 -1.84
N GLU C 151 -11.58 11.70 -1.78
CA GLU C 151 -11.19 12.74 -2.73
C GLU C 151 -10.97 12.18 -4.13
N LEU C 152 -10.31 11.04 -4.21
CA LEU C 152 -10.04 10.41 -5.50
C LEU C 152 -11.34 10.00 -6.20
N LEU C 153 -12.24 9.40 -5.44
CA LEU C 153 -13.52 8.96 -5.99
C LEU C 153 -14.41 10.13 -6.36
N ALA C 154 -14.42 11.18 -5.54
CA ALA C 154 -15.24 12.35 -5.84
C ALA C 154 -14.78 12.95 -7.15
N ARG C 155 -13.47 12.91 -7.39
CA ARG C 155 -12.91 13.47 -8.63
C ARG C 155 -13.50 12.72 -9.82
N GLY C 157 -16.46 11.42 -9.85
CA GLY C 157 -17.92 11.47 -9.79
C GLY C 157 -18.51 10.30 -9.01
N VAL C 158 -17.79 9.84 -7.98
CA VAL C 158 -18.27 8.73 -7.17
C VAL C 158 -18.24 9.12 -5.69
N ARG C 159 -19.38 8.96 -5.02
CA ARG C 159 -19.50 9.31 -3.61
C ARG C 159 -19.20 8.10 -2.74
N LEU C 160 -18.15 8.22 -1.93
CA LEU C 160 -17.73 7.14 -1.04
C LEU C 160 -18.56 7.15 0.24
N VAL C 161 -19.18 6.02 0.55
CA VAL C 161 -19.98 5.87 1.76
C VAL C 161 -19.30 4.80 2.60
N SER C 162 -19.14 5.08 3.89
CA SER C 162 -18.49 4.10 4.78
C SER C 162 -19.28 3.89 6.06
N VAL C 163 -19.17 2.69 6.62
CA VAL C 163 -19.87 2.37 7.85
C VAL C 163 -19.21 3.15 8.99
N ALA C 164 -17.88 3.28 8.90
CA ALA C 164 -17.12 3.98 9.91
C ALA C 164 -15.76 4.44 9.39
N THR C 165 -15.19 5.42 10.07
CA THR C 165 -13.87 5.92 9.71
C THR C 165 -12.90 5.30 10.73
N LEU C 166 -11.64 5.18 10.37
CA LEU C 166 -10.66 4.61 11.27
C LEU C 166 -10.57 5.49 12.51
N LYS C 167 -10.69 6.80 12.31
CA LYS C 167 -10.63 7.75 13.40
C LYS C 167 -11.65 7.41 14.49
N THR C 168 -12.90 7.19 14.06
CA THR C 168 -13.97 6.86 15.00
C THR C 168 -13.68 5.53 15.69
N ILE C 169 -13.19 4.57 14.92
CA ILE C 169 -12.87 3.25 15.46
C ILE C 169 -11.83 3.36 16.56
N LEU C 170 -10.72 4.02 16.24
CA LEU C 170 -9.64 4.18 17.20
C LEU C 170 -10.07 4.92 18.45
N GLU C 171 -10.95 5.90 18.30
CA GLU C 171 -11.43 6.66 19.45
C GLU C 171 -12.28 5.78 20.36
N LYS C 172 -13.20 5.02 19.77
CA LYS C 172 -14.09 4.15 20.53
C LYS C 172 -13.33 3.01 21.20
N LEU C 173 -12.25 2.55 20.58
CA LEU C 173 -11.46 1.46 21.15
C LEU C 173 -10.48 1.96 22.20
N GLY C 174 -10.35 3.27 22.32
CA GLY C 174 -9.45 3.85 23.30
C GLY C 174 -8.01 3.98 22.83
N TRP C 175 -7.79 3.83 21.54
CA TRP C 175 -6.45 3.94 20.96
C TRP C 175 -6.06 5.40 20.82
N LEU D 2 -27.08 -27.78 -14.45
CA LEU D 2 -26.34 -26.60 -14.89
C LEU D 2 -26.34 -26.41 -16.39
N ALA D 3 -26.30 -27.52 -17.13
CA ALA D 3 -26.27 -27.50 -18.59
C ALA D 3 -27.07 -26.35 -19.23
N LYS D 4 -28.38 -26.38 -19.07
CA LYS D 4 -29.25 -25.36 -19.63
C LYS D 4 -28.88 -23.95 -19.19
N VAL D 5 -28.67 -23.78 -17.89
CA VAL D 5 -28.33 -22.48 -17.31
C VAL D 5 -26.98 -21.96 -17.75
N LEU D 6 -26.02 -22.86 -17.92
CA LEU D 6 -24.68 -22.45 -18.34
C LEU D 6 -24.69 -21.84 -19.73
N LYS D 7 -25.43 -22.46 -20.65
CA LYS D 7 -25.49 -21.95 -22.01
C LYS D 7 -26.16 -20.58 -22.04
N LYS D 8 -27.21 -20.41 -21.24
CA LYS D 8 -27.93 -19.15 -21.18
C LYS D 8 -26.98 -17.99 -20.84
N ARG D 9 -26.18 -18.21 -19.80
CA ARG D 9 -25.25 -17.20 -19.31
C ARG D 9 -23.91 -17.13 -20.06
N GLY D 10 -23.72 -18.03 -21.02
CA GLY D 10 -22.47 -18.03 -21.76
C GLY D 10 -21.36 -18.63 -20.92
N ALA D 11 -21.75 -19.41 -19.91
CA ALA D 11 -20.78 -20.07 -19.02
C ALA D 11 -20.10 -21.19 -19.80
N VAL D 12 -20.69 -21.57 -20.92
CA VAL D 12 -20.13 -22.58 -21.80
C VAL D 12 -20.15 -21.92 -23.17
N LEU D 13 -18.97 -21.68 -23.73
CA LEU D 13 -18.85 -20.99 -25.01
C LEU D 13 -18.15 -21.81 -26.08
N ARG D 14 -18.71 -21.78 -27.29
CA ARG D 14 -18.13 -22.51 -28.41
C ARG D 14 -17.04 -21.63 -29.02
N GLY D 15 -15.95 -22.25 -29.43
CA GLY D 15 -14.88 -21.46 -30.03
C GLY D 15 -13.65 -22.29 -30.32
N ASP D 16 -12.50 -21.61 -30.38
CA ASP D 16 -11.23 -22.26 -30.65
C ASP D 16 -10.30 -21.76 -29.55
N PHE D 17 -10.03 -22.63 -28.58
CA PHE D 17 -9.21 -22.25 -27.45
C PHE D 17 -8.06 -23.20 -27.15
N VAL D 18 -7.10 -22.69 -26.37
CA VAL D 18 -5.95 -23.45 -25.91
C VAL D 18 -6.06 -23.38 -24.39
N LEU D 19 -6.05 -24.52 -23.73
CA LEU D 19 -6.15 -24.54 -22.27
C LEU D 19 -4.78 -24.62 -21.61
N SER D 20 -4.70 -24.23 -20.34
CA SER D 20 -3.44 -24.25 -19.61
C SER D 20 -2.83 -25.66 -19.57
N SER D 21 -3.64 -26.65 -19.93
CA SER D 21 -3.19 -28.03 -19.96
C SER D 21 -2.43 -28.26 -21.26
N GLY D 22 -2.59 -27.33 -22.19
CA GLY D 22 -1.92 -27.44 -23.49
C GLY D 22 -2.83 -27.98 -24.57
N ARG D 23 -3.97 -28.54 -24.18
CA ARG D 23 -4.90 -29.11 -25.14
C ARG D 23 -5.72 -28.05 -25.85
N ARG D 24 -6.05 -28.31 -27.11
CA ARG D 24 -6.86 -27.39 -27.89
C ARG D 24 -8.29 -27.78 -27.56
N SER D 25 -9.17 -26.79 -27.43
CA SER D 25 -10.56 -27.07 -27.06
C SER D 25 -11.56 -26.22 -27.83
N SER D 26 -12.71 -26.82 -28.12
CA SER D 26 -13.78 -26.12 -28.83
C SER D 26 -14.72 -25.46 -27.82
N VAL D 27 -14.40 -25.59 -26.53
CA VAL D 27 -15.24 -24.99 -25.50
C VAL D 27 -14.45 -24.25 -24.42
N TYR D 28 -15.03 -23.15 -23.95
CA TYR D 28 -14.44 -22.35 -22.89
C TYR D 28 -15.45 -22.32 -21.76
N ILE D 29 -14.99 -22.67 -20.57
CA ILE D 29 -15.84 -22.71 -19.38
C ILE D 29 -15.57 -21.54 -18.44
N ASP D 30 -16.63 -20.85 -18.05
CA ASP D 30 -16.50 -19.73 -17.13
C ASP D 30 -17.72 -19.67 -16.21
N ARG D 32 -18.00 -18.07 -13.59
CA ARG D 32 -18.18 -16.74 -13.02
C ARG D 32 -19.38 -16.04 -13.65
N ARG D 33 -19.67 -16.38 -14.90
CA ARG D 33 -20.78 -15.76 -15.59
C ARG D 33 -22.16 -16.07 -14.99
N LEU D 34 -22.22 -17.06 -14.09
CA LEU D 34 -23.49 -17.37 -13.44
C LEU D 34 -23.80 -16.35 -12.36
N LEU D 35 -22.75 -15.68 -11.86
CA LEU D 35 -22.91 -14.71 -10.79
C LEU D 35 -23.68 -13.46 -11.19
N GLY D 36 -23.63 -13.11 -12.48
CA GLY D 36 -24.32 -11.92 -12.96
C GLY D 36 -25.83 -12.05 -13.13
N ASP D 37 -26.39 -13.16 -12.66
CA ASP D 37 -27.83 -13.38 -12.76
C ASP D 37 -28.31 -14.11 -11.51
N GLU D 38 -29.17 -13.45 -10.73
CA GLU D 38 -29.67 -14.04 -9.50
C GLU D 38 -30.33 -15.40 -9.71
N SER D 39 -31.12 -15.54 -10.77
CA SER D 39 -31.78 -16.83 -11.00
C SER D 39 -30.72 -17.90 -11.25
N SER D 40 -29.64 -17.53 -11.93
CA SER D 40 -28.58 -18.47 -12.25
C SER D 40 -27.74 -18.89 -11.05
N TYR D 41 -27.25 -17.93 -10.27
CA TYR D 41 -26.44 -18.34 -9.14
C TYR D 41 -27.28 -19.01 -8.05
N SER D 42 -28.57 -18.67 -7.99
CA SER D 42 -29.43 -19.29 -6.99
C SER D 42 -29.61 -20.78 -7.28
N VAL D 43 -29.78 -21.12 -8.55
CA VAL D 43 -29.93 -22.52 -8.94
C VAL D 43 -28.63 -23.24 -8.62
N ALA D 44 -27.52 -22.57 -8.93
CA ALA D 44 -26.19 -23.13 -8.69
C ALA D 44 -25.98 -23.41 -7.20
N LEU D 45 -26.33 -22.44 -6.37
CA LEU D 45 -26.18 -22.59 -4.92
C LEU D 45 -27.07 -23.72 -4.40
N ASP D 46 -28.29 -23.79 -4.91
CA ASP D 46 -29.20 -24.84 -4.48
C ASP D 46 -28.62 -26.21 -4.82
N LEU D 47 -27.97 -26.30 -5.98
CA LEU D 47 -27.36 -27.57 -6.39
C LEU D 47 -26.14 -27.88 -5.53
N LEU D 48 -25.35 -26.85 -5.21
CA LEU D 48 -24.16 -27.04 -4.38
C LEU D 48 -24.56 -27.57 -3.01
N LEU D 49 -25.63 -27.02 -2.44
CA LEU D 49 -26.11 -27.47 -1.14
C LEU D 49 -26.62 -28.91 -1.24
N GLU D 50 -27.24 -29.22 -2.37
CA GLU D 50 -27.78 -30.56 -2.61
C GLU D 50 -26.69 -31.63 -2.68
N VAL D 51 -25.57 -31.33 -3.33
CA VAL D 51 -24.48 -32.31 -3.46
C VAL D 51 -23.49 -32.25 -2.30
N GLY D 52 -23.25 -31.05 -1.78
CA GLY D 52 -22.33 -30.89 -0.66
C GLY D 52 -23.05 -31.38 0.58
N GLY D 53 -24.36 -31.54 0.45
CA GLY D 53 -25.24 -32.01 1.50
C GLY D 53 -24.77 -32.08 2.95
N GLN D 54 -24.69 -33.29 3.46
CA GLN D 54 -24.30 -33.57 4.85
C GLN D 54 -22.99 -32.95 5.34
N ASP D 55 -21.90 -33.21 4.63
CA ASP D 55 -20.59 -32.69 5.02
C ASP D 55 -20.59 -31.17 5.16
N LEU D 56 -21.27 -30.50 4.26
CA LEU D 56 -21.34 -29.05 4.29
C LEU D 56 -22.11 -28.62 5.54
N ALA D 57 -23.24 -29.27 5.80
CA ALA D 57 -24.06 -28.94 6.97
C ALA D 57 -23.33 -29.25 8.28
N ARG D 58 -22.47 -30.26 8.25
CA ARG D 58 -21.69 -30.67 9.42
C ARG D 58 -20.55 -29.70 9.69
N SER D 59 -19.76 -29.43 8.65
CA SER D 59 -18.61 -28.55 8.73
C SER D 59 -18.79 -27.34 9.64
N SER D 60 -17.71 -26.91 10.26
CA SER D 60 -17.74 -25.75 11.15
C SER D 60 -17.47 -24.47 10.36
N ALA D 61 -17.03 -24.62 9.12
CA ALA D 61 -16.75 -23.47 8.28
C ALA D 61 -16.68 -23.84 6.80
N VAL D 62 -16.91 -22.86 5.93
CA VAL D 62 -16.83 -23.06 4.50
C VAL D 62 -15.57 -22.32 4.05
N ILE D 63 -14.70 -23.00 3.31
CA ILE D 63 -13.47 -22.37 2.85
C ILE D 63 -13.48 -22.25 1.33
N GLY D 64 -13.24 -21.06 0.82
CA GLY D 64 -13.22 -20.88 -0.62
C GLY D 64 -11.81 -20.88 -1.17
N VAL D 65 -11.64 -21.37 -2.39
CA VAL D 65 -10.34 -21.36 -3.04
C VAL D 65 -10.37 -20.02 -3.78
N ALA D 66 -9.84 -18.96 -3.16
CA ALA D 66 -9.78 -17.72 -3.94
C ALA D 66 -9.16 -17.68 -5.32
N THR D 67 -9.61 -17.06 -6.42
CA THR D 67 -10.63 -16.03 -6.53
C THR D 67 -11.98 -16.69 -6.80
N GLY D 68 -11.95 -17.47 -7.89
CA GLY D 68 -12.90 -18.37 -8.50
C GLY D 68 -13.96 -18.96 -7.59
N GLY D 69 -13.54 -19.58 -6.50
CA GLY D 69 -14.49 -20.18 -5.59
C GLY D 69 -14.94 -19.29 -4.45
N LEU D 70 -14.37 -18.11 -4.34
CA LEU D 70 -14.70 -17.21 -3.23
C LEU D 70 -16.15 -16.72 -3.16
N PRO D 71 -16.71 -16.21 -4.28
CA PRO D 71 -18.09 -15.74 -4.21
C PRO D 71 -19.04 -16.86 -3.78
N TRP D 72 -18.82 -18.05 -4.35
CA TRP D 72 -19.64 -19.20 -4.03
C TRP D 72 -19.51 -19.62 -2.56
N ALA D 73 -18.29 -19.62 -2.06
CA ALA D 73 -18.07 -20.01 -0.66
C ALA D 73 -18.72 -18.99 0.26
N ALA D 74 -18.61 -17.72 -0.08
CA ALA D 74 -19.19 -16.65 0.73
C ALA D 74 -20.71 -16.74 0.77
N LEU D 76 -22.51 -19.47 0.23
CA LEU D 76 -22.86 -20.69 0.96
C LEU D 76 -22.71 -20.44 2.45
N ALA D 77 -21.65 -19.75 2.84
CA ALA D 77 -21.41 -19.47 4.26
C ALA D 77 -22.57 -18.66 4.84
N LEU D 78 -22.98 -17.63 4.12
CA LEU D 78 -24.08 -16.77 4.58
C LEU D 78 -25.37 -17.56 4.71
N ARG D 79 -25.69 -18.37 3.71
CA ARG D 79 -26.92 -19.14 3.75
C ARG D 79 -26.92 -20.15 4.91
N LEU D 80 -25.77 -20.74 5.17
CA LEU D 80 -25.65 -21.72 6.25
C LEU D 80 -25.33 -21.09 7.61
N SER D 81 -25.22 -19.77 7.64
CA SER D 81 -24.92 -19.05 8.87
C SER D 81 -23.64 -19.61 9.48
N LYS D 82 -22.65 -19.85 8.63
CA LYS D 82 -21.38 -20.40 9.06
C LYS D 82 -20.21 -19.46 8.80
N PRO D 83 -19.11 -19.64 9.54
CA PRO D 83 -17.92 -18.82 9.37
C PRO D 83 -17.36 -19.06 7.96
N LEU D 84 -16.68 -18.06 7.41
CA LEU D 84 -16.08 -18.17 6.10
C LEU D 84 -14.58 -18.01 6.20
N GLY D 85 -13.87 -18.70 5.32
CA GLY D 85 -12.43 -18.59 5.29
C GLY D 85 -12.06 -18.79 3.83
N TYR D 86 -10.83 -18.43 3.46
CA TYR D 86 -10.41 -18.65 2.09
C TYR D 86 -8.91 -18.63 1.98
N VAL D 87 -8.41 -19.36 0.98
CA VAL D 87 -6.98 -19.44 0.72
C VAL D 87 -6.74 -18.97 -0.70
N ARG D 88 -5.80 -18.06 -0.87
CA ARG D 88 -5.50 -17.53 -2.19
C ARG D 88 -4.10 -17.93 -2.62
N PRO D 89 -3.90 -18.14 -3.93
CA PRO D 89 -2.57 -18.52 -4.43
C PRO D 89 -1.70 -17.27 -4.44
N GLU D 90 -0.70 -17.23 -3.57
CA GLU D 90 0.19 -16.07 -3.45
C GLU D 90 1.38 -16.16 -4.40
N ARG D 91 1.93 -15.00 -4.76
CA ARG D 91 3.10 -14.97 -5.64
C ARG D 91 4.26 -15.55 -4.85
N LYS D 92 5.02 -16.44 -5.49
CA LYS D 92 6.13 -17.12 -4.84
C LYS D 92 7.45 -16.35 -4.86
N GLY D 93 8.27 -16.61 -3.84
CA GLY D 93 9.58 -15.98 -3.74
C GLY D 93 9.64 -14.62 -3.05
N HIS D 94 8.53 -14.19 -2.47
CA HIS D 94 8.47 -12.88 -1.82
C HIS D 94 8.57 -12.92 -0.30
N GLY D 95 8.61 -14.13 0.27
CA GLY D 95 8.70 -14.25 1.70
C GLY D 95 7.31 -14.29 2.32
N THR D 96 6.30 -14.43 1.48
CA THR D 96 4.92 -14.47 1.96
C THR D 96 4.61 -15.78 2.67
N LEU D 97 3.80 -15.68 3.72
CA LEU D 97 3.42 -16.86 4.49
C LEU D 97 1.92 -17.11 4.28
N SER D 98 1.59 -18.31 3.83
CA SER D 98 0.20 -18.67 3.56
C SER D 98 -0.64 -18.54 4.81
N GLN D 99 -1.92 -18.21 4.62
CA GLN D 99 -2.83 -18.08 5.75
C GLN D 99 -4.26 -18.33 5.30
N VAL D 100 -5.10 -18.73 6.24
CA VAL D 100 -6.50 -18.96 5.96
C VAL D 100 -7.20 -17.65 6.28
N GLU D 101 -7.38 -16.83 5.26
CA GLU D 101 -8.01 -15.52 5.43
C GLU D 101 -9.40 -15.68 6.02
N GLY D 102 -9.72 -14.84 7.00
CA GLY D 102 -11.00 -14.92 7.66
C GLY D 102 -10.79 -15.49 9.05
N ASP D 103 -9.75 -16.31 9.18
CA ASP D 103 -9.39 -16.95 10.43
C ASP D 103 -10.56 -17.62 11.17
N PRO D 104 -11.33 -18.48 10.48
CA PRO D 104 -12.45 -19.14 11.14
C PRO D 104 -11.93 -20.06 12.24
N PRO D 105 -12.77 -20.41 13.23
CA PRO D 105 -12.30 -21.30 14.30
C PRO D 105 -11.80 -22.63 13.74
N LYS D 106 -10.79 -23.20 14.39
CA LYS D 106 -10.25 -24.48 13.94
C LYS D 106 -11.35 -25.54 14.06
N GLY D 107 -11.41 -26.44 13.09
CA GLY D 107 -12.42 -27.49 13.11
C GLY D 107 -12.53 -28.09 11.72
N ARG D 108 -13.59 -28.85 11.46
CA ARG D 108 -13.78 -29.47 10.16
C ARG D 108 -14.36 -28.47 9.16
N VAL D 109 -13.82 -28.46 7.94
CA VAL D 109 -14.31 -27.53 6.93
C VAL D 109 -14.46 -28.22 5.58
N VAL D 110 -15.17 -27.55 4.68
CA VAL D 110 -15.33 -28.05 3.33
C VAL D 110 -14.76 -26.96 2.43
N VAL D 111 -13.92 -27.34 1.47
CA VAL D 111 -13.37 -26.36 0.55
C VAL D 111 -14.26 -26.29 -0.69
N VAL D 112 -14.40 -25.08 -1.23
CA VAL D 112 -15.25 -24.86 -2.39
C VAL D 112 -14.53 -24.11 -3.50
N ASP D 113 -14.66 -24.61 -4.73
CA ASP D 113 -14.05 -23.97 -5.90
C ASP D 113 -15.08 -24.06 -7.01
N ASP D 114 -14.99 -23.19 -8.03
CA ASP D 114 -15.98 -23.27 -9.07
C ASP D 114 -15.76 -24.42 -10.02
N VAL D 115 -14.53 -24.57 -10.51
CA VAL D 115 -14.21 -25.66 -11.44
C VAL D 115 -12.98 -26.43 -11.03
N ALA D 116 -13.07 -27.76 -11.06
CA ALA D 116 -11.94 -28.62 -10.73
C ALA D 116 -11.26 -29.02 -12.03
N THR D 117 -9.98 -28.68 -12.16
CA THR D 117 -9.24 -29.02 -13.36
C THR D 117 -8.26 -30.14 -13.05
N THR D 118 -7.05 -29.80 -12.64
CA THR D 118 -6.06 -30.82 -12.32
C THR D 118 -6.19 -31.20 -10.86
N GLY D 119 -6.85 -30.34 -10.09
CA GLY D 119 -7.04 -30.58 -8.67
C GLY D 119 -5.93 -29.98 -7.82
N THR D 120 -4.84 -29.55 -8.46
CA THR D 120 -3.70 -28.99 -7.73
C THR D 120 -4.00 -27.71 -6.95
N SER D 121 -4.84 -26.84 -7.50
CA SER D 121 -5.18 -25.60 -6.80
C SER D 121 -5.90 -25.96 -5.49
N ILE D 122 -6.77 -26.96 -5.57
CA ILE D 122 -7.53 -27.41 -4.40
C ILE D 122 -6.58 -28.08 -3.41
N ALA D 123 -5.65 -28.88 -3.94
CA ALA D 123 -4.68 -29.57 -3.11
C ALA D 123 -3.83 -28.61 -2.29
N LYS D 124 -3.46 -27.48 -2.89
CA LYS D 124 -2.66 -26.49 -2.19
C LYS D 124 -3.46 -25.91 -1.03
N SER D 125 -4.75 -25.68 -1.24
CA SER D 125 -5.58 -25.12 -0.17
C SER D 125 -5.70 -26.14 0.97
N ILE D 126 -5.78 -27.42 0.62
CA ILE D 126 -5.89 -28.47 1.62
C ILE D 126 -4.65 -28.45 2.49
N GLU D 127 -3.48 -28.36 1.87
CA GLU D 127 -2.23 -28.33 2.61
C GLU D 127 -2.16 -27.15 3.58
N VAL D 128 -2.60 -25.97 3.15
CA VAL D 128 -2.59 -24.80 4.01
C VAL D 128 -3.56 -25.01 5.18
N LEU D 129 -4.75 -25.52 4.88
CA LEU D 129 -5.73 -25.78 5.92
C LEU D 129 -5.25 -26.80 6.96
N ARG D 130 -4.73 -27.93 6.50
CA ARG D 130 -4.27 -28.96 7.43
C ARG D 130 -3.10 -28.50 8.29
N SER D 131 -2.22 -27.69 7.71
CA SER D 131 -1.07 -27.20 8.44
C SER D 131 -1.46 -26.14 9.45
N ASN D 132 -2.65 -25.55 9.29
CA ASN D 132 -3.11 -24.53 10.21
C ASN D 132 -4.17 -24.97 11.22
N GLY D 133 -4.27 -26.27 11.46
CA GLY D 133 -5.22 -26.76 12.45
C GLY D 133 -6.62 -27.15 12.01
N TYR D 134 -6.89 -27.09 10.72
CA TYR D 134 -8.22 -27.46 10.23
C TYR D 134 -8.18 -28.88 9.69
N THR D 135 -9.36 -29.50 9.63
CA THR D 135 -9.48 -30.85 9.07
C THR D 135 -10.38 -30.68 7.86
N VAL D 136 -10.03 -31.36 6.78
CA VAL D 136 -10.81 -31.26 5.56
C VAL D 136 -10.75 -32.58 4.80
N GLY D 137 -11.92 -33.10 4.45
CA GLY D 137 -11.97 -34.36 3.72
C GLY D 137 -12.89 -34.29 2.52
N THR D 138 -13.45 -33.11 2.28
CA THR D 138 -14.36 -32.91 1.15
C THR D 138 -14.08 -31.62 0.39
N ALA D 139 -14.05 -31.72 -0.93
CA ALA D 139 -13.87 -30.58 -1.81
C ALA D 139 -15.12 -30.55 -2.67
N LEU D 140 -15.75 -29.38 -2.77
CA LEU D 140 -17.00 -29.22 -3.50
C LEU D 140 -16.84 -28.21 -4.64
N VAL D 141 -17.22 -28.61 -5.86
CA VAL D 141 -17.14 -27.73 -7.03
C VAL D 141 -18.43 -27.78 -7.84
N LEU D 142 -18.59 -26.82 -8.75
CA LEU D 142 -19.78 -26.79 -9.59
C LEU D 142 -19.55 -27.73 -10.76
N VAL D 143 -18.37 -27.64 -11.36
CA VAL D 143 -18.05 -28.48 -12.50
C VAL D 143 -16.68 -29.12 -12.36
N ASP D 144 -16.63 -30.42 -12.63
CA ASP D 144 -15.38 -31.16 -12.58
C ASP D 144 -15.06 -31.46 -14.04
N ARG D 145 -13.88 -31.06 -14.49
CA ARG D 145 -13.51 -31.32 -15.89
C ARG D 145 -13.30 -32.81 -16.11
N GLY D 146 -13.18 -33.56 -15.02
CA GLY D 146 -12.96 -35.00 -15.13
C GLY D 146 -11.60 -35.26 -15.76
N GLU D 147 -10.62 -34.50 -15.34
CA GLU D 147 -9.27 -34.62 -15.87
C GLU D 147 -8.21 -34.89 -14.81
N GLY D 148 -8.53 -35.76 -13.86
CA GLY D 148 -7.58 -36.12 -12.83
C GLY D 148 -7.76 -35.53 -11.44
N ALA D 149 -8.53 -34.46 -11.31
CA ALA D 149 -8.72 -33.84 -10.00
C ALA D 149 -9.17 -34.82 -8.92
N GLY D 150 -10.21 -35.59 -9.21
CA GLY D 150 -10.73 -36.55 -8.23
C GLY D 150 -9.71 -37.55 -7.74
N GLU D 151 -8.93 -38.10 -8.67
CA GLU D 151 -7.91 -39.07 -8.33
C GLU D 151 -6.78 -38.47 -7.51
N LEU D 152 -6.35 -37.26 -7.86
CA LEU D 152 -5.27 -36.59 -7.16
C LEU D 152 -5.68 -36.24 -5.73
N LEU D 153 -6.90 -35.77 -5.56
CA LEU D 153 -7.39 -35.43 -4.24
C LEU D 153 -7.62 -36.67 -3.39
N ALA D 154 -8.06 -37.76 -4.01
CA ALA D 154 -8.31 -39.00 -3.29
C ALA D 154 -7.01 -39.52 -2.68
N ARG D 155 -5.90 -39.30 -3.38
CA ARG D 155 -4.61 -39.76 -2.89
C ARG D 155 -4.15 -39.01 -1.65
N GLY D 157 -6.48 -38.14 0.77
CA GLY D 157 -7.62 -38.24 1.68
C GLY D 157 -8.68 -37.17 1.54
N VAL D 158 -8.95 -36.73 0.32
CA VAL D 158 -9.98 -35.74 0.08
C VAL D 158 -10.92 -36.25 -1.00
N ARG D 159 -12.21 -36.22 -0.70
CA ARG D 159 -13.23 -36.68 -1.64
C ARG D 159 -13.78 -35.50 -2.43
N LEU D 160 -13.64 -35.55 -3.74
CA LEU D 160 -14.14 -34.50 -4.61
C LEU D 160 -15.59 -34.78 -4.95
N VAL D 161 -16.44 -33.77 -4.79
CA VAL D 161 -17.86 -33.88 -5.11
C VAL D 161 -18.19 -32.73 -6.06
N SER D 162 -18.93 -33.01 -7.12
CA SER D 162 -19.28 -31.98 -8.09
C SER D 162 -20.75 -32.00 -8.48
N VAL D 163 -21.27 -30.83 -8.86
CA VAL D 163 -22.66 -30.71 -9.28
C VAL D 163 -22.81 -31.43 -10.63
N ALA D 164 -21.81 -31.26 -11.49
CA ALA D 164 -21.85 -31.89 -12.81
C ALA D 164 -20.45 -32.03 -13.39
N THR D 165 -20.32 -32.91 -14.38
CA THR D 165 -19.03 -33.10 -15.03
C THR D 165 -19.10 -32.39 -16.38
N LEU D 166 -17.94 -32.03 -16.90
CA LEU D 166 -17.88 -31.36 -18.19
C LEU D 166 -18.46 -32.27 -19.27
N LYS D 167 -18.15 -33.56 -19.18
CA LYS D 167 -18.66 -34.51 -20.15
C LYS D 167 -20.19 -34.51 -20.20
N THR D 168 -20.82 -34.57 -19.03
CA THR D 168 -22.27 -34.57 -18.96
C THR D 168 -22.85 -33.29 -19.52
N ILE D 169 -22.22 -32.15 -19.23
CA ILE D 169 -22.70 -30.87 -19.73
C ILE D 169 -22.66 -30.82 -21.25
N LEU D 170 -21.56 -31.25 -21.84
CA LEU D 170 -21.44 -31.21 -23.30
C LEU D 170 -22.40 -32.17 -23.99
N GLU D 171 -22.66 -33.31 -23.35
CA GLU D 171 -23.57 -34.31 -23.89
C GLU D 171 -24.99 -33.72 -23.90
N LYS D 172 -25.36 -33.08 -22.80
CA LYS D 172 -26.67 -32.47 -22.66
C LYS D 172 -26.90 -31.38 -23.69
N LEU D 173 -25.84 -30.63 -23.99
CA LEU D 173 -25.95 -29.54 -24.95
C LEU D 173 -25.79 -29.98 -26.41
N GLY D 174 -25.60 -31.28 -26.61
CA GLY D 174 -25.43 -31.79 -27.97
C GLY D 174 -24.24 -31.13 -28.63
N TRP D 175 -23.18 -30.98 -27.85
CA TRP D 175 -21.96 -30.34 -28.31
C TRP D 175 -21.29 -30.99 -29.51
N GLY D 176 -21.30 -32.32 -29.53
CA GLY D 176 -20.64 -33.03 -30.61
C GLY D 176 -19.15 -33.04 -30.33
N GLY D 177 -18.43 -33.98 -30.92
CA GLY D 177 -16.99 -34.03 -30.69
C GLY D 177 -16.27 -35.02 -31.57
#